data_8K1Y
#
_entry.id   8K1Y
#
_cell.length_a   185.004
_cell.length_b   38.418
_cell.length_c   95.781
_cell.angle_alpha   90.00
_cell.angle_beta   105.18
_cell.angle_gamma   90.00
#
_symmetry.space_group_name_H-M   'C 1 2 1'
#
loop_
_entity.id
_entity.type
_entity.pdbx_description
1 polymer Albumin
2 non-polymer 'NITRIC OXIDE'
3 non-polymer VALINE
4 non-polymer 'CHLORIDE ION'
5 non-polymer 'RUTHENIUM ION'
6 non-polymer 'PALMITIC ACID'
7 non-polymer GLYCEROL
8 non-polymer 'DIMETHYL SULFOXIDE'
9 water water
#
_entity_poly.entity_id   1
_entity_poly.type   'polypeptide(L)'
_entity_poly.pdbx_seq_one_letter_code
;DAHKSEVAHRFKDLGEENFKALVLIAFAQYLQQCPFEDHVKLVNEVTEFAKTCVADESAENCDKSLHTLFGDKLCTVATL
RETYGEMADCCAKQEPERNECFLQHKDDNPNLPRLVRPEVDVMCTAFHDNEETFLKKYLYEIARRHPYFYAPELLFFAKR
YKAAFTECCQAADKAACLLPKLDELRDEGKASSAKQRLKCASLQKFGERAFKAWAVARLSQRFPKAEFAEVSKLVTDLTK
VHTECCHGDLLECADDRADLAKYICENQDSISSKLKECCEKPLLEKSHCIAEVENDEMPADLPSLAADFVESKDVCKNYA
EAKDVFLGMFLYEYARRHPDYSVVLLLRLAKTYETTLEKCCAAADPHECYAKVFDEFKPLVEEPQNLIKQNCELFEQLGE
YKFQNALLVRYTKKVPQVSTPTLVEVSRNLGKVGSKCCKHPEAKRMPCAEDYLSVVLNQLCVLHEKTPVSDRVTKCCTES
LVNRRPCFSALEVDETYVPKEFNAETFTFHADICTLSEKERQIKKQTALVELVKHKPKATKEQLKAVMDDFAAFVEKCCK
ADDKETCFAEEGKKLVAASQAALGL
;
_entity_poly.pdbx_strand_id   A
#
loop_
_chem_comp.id
_chem_comp.type
_chem_comp.name
_chem_comp.formula
CL non-polymer 'CHLORIDE ION' 'Cl -1'
DMS non-polymer 'DIMETHYL SULFOXIDE' 'C2 H6 O S'
GOL non-polymer GLYCEROL 'C3 H8 O3'
NO non-polymer 'NITRIC OXIDE' 'N O'
PLM non-polymer 'PALMITIC ACID' 'C16 H32 O2'
RU non-polymer 'RUTHENIUM ION' 'Ru 3'
#
# COMPACT_ATOMS: atom_id res chain seq x y z
N HIS A 3 -32.37 -9.30 -15.50
CA HIS A 3 -31.15 -10.12 -15.63
C HIS A 3 -31.54 -11.58 -15.55
N LYS A 4 -32.28 -12.04 -16.54
CA LYS A 4 -32.57 -13.48 -16.59
C LYS A 4 -31.23 -14.20 -16.61
N SER A 5 -30.24 -13.61 -17.29
CA SER A 5 -28.89 -14.21 -17.37
C SER A 5 -27.83 -13.22 -16.92
N GLU A 6 -27.25 -13.47 -15.76
CA GLU A 6 -26.22 -12.55 -15.22
C GLU A 6 -24.88 -12.81 -15.93
N VAL A 7 -24.62 -14.05 -16.36
CA VAL A 7 -23.38 -14.31 -17.14
C VAL A 7 -23.48 -13.56 -18.48
N ALA A 8 -24.68 -13.48 -19.06
CA ALA A 8 -24.81 -12.76 -20.32
C ALA A 8 -24.70 -11.26 -20.12
N HIS A 9 -25.29 -10.75 -19.03
CA HIS A 9 -25.19 -9.33 -18.74
C HIS A 9 -23.75 -8.93 -18.45
N ARG A 10 -23.00 -9.76 -17.73
CA ARG A 10 -21.59 -9.45 -17.46
C ARG A 10 -20.76 -9.57 -18.73
N PHE A 11 -21.06 -10.54 -19.59
CA PHE A 11 -20.35 -10.67 -20.85
C PHE A 11 -20.56 -9.45 -21.74
N LYS A 12 -21.79 -8.91 -21.76
CA LYS A 12 -22.07 -7.74 -22.59
C LYS A 12 -21.47 -6.48 -21.97
N ASP A 13 -21.47 -6.38 -20.64
CA ASP A 13 -20.90 -5.22 -19.98
C ASP A 13 -19.38 -5.18 -20.14
N LEU A 14 -18.71 -6.30 -19.86
CA LEU A 14 -17.26 -6.30 -19.80
C LEU A 14 -16.64 -6.41 -21.19
N GLY A 15 -17.23 -7.20 -22.06
CA GLY A 15 -16.57 -7.54 -23.31
C GLY A 15 -15.79 -8.84 -23.18
N GLU A 16 -15.59 -9.51 -24.34
CA GLU A 16 -15.00 -10.84 -24.32
C GLU A 16 -13.61 -10.85 -23.70
N GLU A 17 -12.76 -9.88 -24.09
CA GLU A 17 -11.38 -9.87 -23.61
C GLU A 17 -11.33 -9.67 -22.10
N ASN A 18 -12.07 -8.69 -21.59
CA ASN A 18 -12.10 -8.47 -20.14
C ASN A 18 -12.73 -9.66 -19.41
N PHE A 19 -13.78 -10.24 -19.99
CA PHE A 19 -14.44 -11.38 -19.37
C PHE A 19 -13.47 -12.55 -19.20
N LYS A 20 -12.72 -12.86 -20.26
CA LYS A 20 -11.79 -13.99 -20.21
C LYS A 20 -10.69 -13.76 -19.17
N ALA A 21 -10.18 -12.53 -19.10
CA ALA A 21 -9.12 -12.23 -18.13
C ALA A 21 -9.63 -12.33 -16.70
N LEU A 22 -10.83 -11.81 -16.44
CA LEU A 22 -11.35 -11.83 -15.08
C LEU A 22 -11.73 -13.24 -14.65
N VAL A 23 -12.23 -14.06 -15.57
CA VAL A 23 -12.54 -15.44 -15.24
C VAL A 23 -11.27 -16.21 -14.94
N LEU A 24 -10.19 -15.95 -15.70
CA LEU A 24 -8.90 -16.57 -15.41
C LEU A 24 -8.42 -16.20 -14.01
N ILE A 25 -8.48 -14.92 -13.66
CA ILE A 25 -8.01 -14.47 -12.34
C ILE A 25 -8.84 -15.12 -11.24
N ALA A 26 -10.16 -15.13 -11.41
CA ALA A 26 -11.04 -15.63 -10.35
C ALA A 26 -10.75 -17.10 -10.05
N PHE A 27 -10.62 -17.92 -11.09
CA PHE A 27 -10.36 -19.34 -10.88
C PHE A 27 -8.92 -19.60 -10.45
N ALA A 28 -7.97 -18.78 -10.91
CA ALA A 28 -6.60 -18.93 -10.46
C ALA A 28 -6.45 -18.60 -8.97
N GLN A 29 -7.30 -17.71 -8.46
CA GLN A 29 -7.23 -17.36 -7.04
C GLN A 29 -7.83 -18.43 -6.15
N TYR A 30 -8.59 -19.36 -6.72
CA TYR A 30 -9.15 -20.49 -5.98
C TYR A 30 -8.37 -21.78 -6.21
N LEU A 31 -8.19 -22.18 -7.48
CA LEU A 31 -7.41 -23.36 -7.83
C LEU A 31 -5.95 -22.96 -8.05
N GLN A 32 -5.31 -22.53 -6.98
CA GLN A 32 -3.97 -21.96 -7.04
C GLN A 32 -2.87 -22.98 -7.28
N GLN A 33 -3.19 -24.28 -7.33
CA GLN A 33 -2.21 -25.30 -7.64
C GLN A 33 -2.53 -26.05 -8.93
N CYS A 34 -3.52 -25.59 -9.68
CA CYS A 34 -3.80 -26.20 -10.97
C CYS A 34 -2.90 -25.58 -12.05
N PRO A 35 -2.51 -26.37 -13.04
CA PRO A 35 -1.64 -25.85 -14.11
C PRO A 35 -2.37 -24.83 -14.97
N PHE A 36 -1.56 -24.01 -15.66
CA PHE A 36 -2.11 -22.93 -16.48
C PHE A 36 -3.00 -23.46 -17.59
N GLU A 37 -2.63 -24.61 -18.17
CA GLU A 37 -3.41 -25.17 -19.28
C GLU A 37 -4.80 -25.61 -18.82
N ASP A 38 -4.93 -26.03 -17.56
CA ASP A 38 -6.25 -26.34 -17.03
C ASP A 38 -7.14 -25.11 -16.98
N HIS A 39 -6.60 -24.00 -16.46
CA HIS A 39 -7.37 -22.77 -16.36
C HIS A 39 -7.78 -22.24 -17.73
N VAL A 40 -6.94 -22.45 -18.75
CA VAL A 40 -7.28 -22.00 -20.09
C VAL A 40 -8.53 -22.73 -20.58
N LYS A 41 -8.56 -24.05 -20.42
CA LYS A 41 -9.72 -24.82 -20.84
C LYS A 41 -10.97 -24.42 -20.06
N LEU A 42 -10.80 -24.12 -18.77
CA LEU A 42 -11.92 -23.66 -17.96
C LEU A 42 -12.44 -22.32 -18.46
N VAL A 43 -11.53 -21.39 -18.75
CA VAL A 43 -11.92 -20.08 -19.25
C VAL A 43 -12.66 -20.22 -20.58
N ASN A 44 -12.11 -21.01 -21.50
CA ASN A 44 -12.76 -21.21 -22.79
C ASN A 44 -14.12 -21.88 -22.65
N GLU A 45 -14.25 -22.78 -21.67
CA GLU A 45 -15.54 -23.45 -21.47
C GLU A 45 -16.58 -22.49 -20.89
N VAL A 46 -16.17 -21.62 -19.97
CA VAL A 46 -17.09 -20.63 -19.43
C VAL A 46 -17.43 -19.58 -20.47
N THR A 47 -16.44 -19.18 -21.28
CA THR A 47 -16.66 -18.15 -22.28
C THR A 47 -17.61 -18.63 -23.37
N GLU A 48 -17.45 -19.89 -23.82
CA GLU A 48 -18.37 -20.43 -24.82
C GLU A 48 -19.78 -20.54 -24.25
N PHE A 49 -19.90 -20.94 -22.98
CA PHE A 49 -21.22 -21.00 -22.36
C PHE A 49 -21.84 -19.61 -22.24
N ALA A 50 -21.02 -18.61 -21.92
CA ALA A 50 -21.53 -17.24 -21.82
C ALA A 50 -22.07 -16.73 -23.15
N LYS A 51 -21.38 -17.06 -24.25
CA LYS A 51 -21.87 -16.65 -25.56
C LYS A 51 -23.19 -17.32 -25.89
N THR A 52 -23.39 -18.55 -25.42
CA THR A 52 -24.69 -19.21 -25.57
C THR A 52 -25.78 -18.40 -24.90
N CYS A 53 -25.50 -17.86 -23.71
CA CYS A 53 -26.50 -17.08 -22.99
C CYS A 53 -26.69 -15.70 -23.60
N VAL A 54 -25.62 -15.13 -24.19
CA VAL A 54 -25.76 -13.86 -24.88
C VAL A 54 -26.70 -14.01 -26.08
N ALA A 55 -26.58 -15.13 -26.79
CA ALA A 55 -27.47 -15.39 -27.93
C ALA A 55 -28.91 -15.56 -27.47
N ASP A 56 -29.13 -16.37 -26.43
CA ASP A 56 -30.46 -16.64 -25.91
C ASP A 56 -30.37 -16.80 -24.39
N GLU A 57 -30.88 -15.80 -23.65
CA GLU A 57 -30.84 -15.85 -22.20
C GLU A 57 -31.73 -16.95 -21.62
N SER A 58 -32.58 -17.53 -22.45
CA SER A 58 -33.52 -18.57 -21.96
C SER A 58 -32.82 -19.92 -22.03
N ALA A 59 -31.60 -19.94 -22.55
CA ALA A 59 -30.89 -21.23 -22.75
C ALA A 59 -30.57 -21.92 -21.43
N GLU A 60 -30.27 -23.22 -21.49
CA GLU A 60 -30.08 -24.01 -20.25
C GLU A 60 -28.92 -23.49 -19.39
N ASN A 61 -29.15 -23.36 -18.08
CA ASN A 61 -28.12 -22.94 -17.10
C ASN A 61 -27.85 -21.43 -17.15
N CYS A 62 -28.41 -20.73 -18.13
CA CYS A 62 -28.21 -19.26 -18.25
C CYS A 62 -28.97 -18.54 -17.13
N ASP A 63 -30.02 -19.15 -16.59
CA ASP A 63 -30.83 -18.54 -15.51
C ASP A 63 -30.11 -18.65 -14.16
N LYS A 64 -29.04 -19.43 -14.08
CA LYS A 64 -28.39 -19.65 -12.79
C LYS A 64 -27.56 -18.43 -12.39
N SER A 65 -27.32 -18.31 -11.10
CA SER A 65 -26.49 -17.23 -10.57
C SER A 65 -25.02 -17.49 -10.86
N LEU A 66 -24.24 -16.41 -10.96
CA LEU A 66 -22.82 -16.53 -11.22
C LEU A 66 -22.11 -17.29 -10.10
N HIS A 67 -22.58 -17.14 -8.86
CA HIS A 67 -22.01 -17.91 -7.77
C HIS A 67 -22.27 -19.41 -7.96
N THR A 68 -23.48 -19.77 -8.41
CA THR A 68 -23.79 -21.17 -8.66
C THR A 68 -22.95 -21.71 -9.82
N LEU A 69 -22.83 -20.93 -10.90
CA LEU A 69 -22.03 -21.38 -12.04
C LEU A 69 -20.56 -21.49 -11.68
N PHE A 70 -20.05 -20.55 -10.87
CA PHE A 70 -18.66 -20.59 -10.45
C PHE A 70 -18.39 -21.82 -9.60
N GLY A 71 -19.23 -22.06 -8.59
CA GLY A 71 -19.04 -23.22 -7.74
C GLY A 71 -19.23 -24.53 -8.48
N ASP A 72 -20.20 -24.57 -9.40
CA ASP A 72 -20.39 -25.77 -10.21
C ASP A 72 -19.13 -26.09 -10.99
N LYS A 73 -18.56 -25.09 -11.67
CA LYS A 73 -17.34 -25.31 -12.45
C LYS A 73 -16.19 -25.73 -11.56
N LEU A 74 -16.10 -25.17 -10.35
CA LEU A 74 -15.09 -25.60 -9.40
C LEU A 74 -15.25 -27.07 -9.05
N CYS A 75 -16.49 -27.54 -8.94
CA CYS A 75 -16.77 -28.92 -8.55
C CYS A 75 -16.69 -29.90 -9.70
N THR A 76 -16.45 -29.43 -10.93
CA THR A 76 -16.21 -30.33 -12.05
C THR A 76 -14.74 -30.70 -12.19
N VAL A 77 -13.84 -30.02 -11.47
CA VAL A 77 -12.43 -30.37 -11.51
C VAL A 77 -12.27 -31.78 -10.95
N ALA A 78 -11.67 -32.67 -11.76
CA ALA A 78 -11.66 -34.09 -11.41
C ALA A 78 -10.73 -34.38 -10.24
N THR A 79 -9.70 -33.57 -10.04
CA THR A 79 -8.68 -33.81 -9.03
C THR A 79 -8.82 -32.87 -7.83
N LEU A 80 -10.04 -32.40 -7.56
CA LEU A 80 -10.23 -31.40 -6.51
C LEU A 80 -9.87 -31.96 -5.14
N ARG A 81 -10.31 -33.19 -4.84
CA ARG A 81 -9.99 -33.78 -3.55
C ARG A 81 -8.53 -34.19 -3.47
N GLU A 82 -7.98 -34.71 -4.58
CA GLU A 82 -6.58 -35.15 -4.58
C GLU A 82 -5.64 -34.00 -4.22
N THR A 83 -5.93 -32.79 -4.71
CA THR A 83 -5.03 -31.66 -4.56
C THR A 83 -5.44 -30.70 -3.44
N TYR A 84 -6.74 -30.43 -3.29
CA TYR A 84 -7.21 -29.44 -2.35
C TYR A 84 -7.93 -30.04 -1.14
N GLY A 85 -8.13 -31.35 -1.10
CA GLY A 85 -8.64 -32.02 0.08
C GLY A 85 -9.99 -31.55 0.56
N GLU A 86 -10.01 -30.92 1.74
CA GLU A 86 -11.27 -30.53 2.37
C GLU A 86 -12.00 -29.44 1.59
N MET A 87 -11.32 -28.77 0.65
CA MET A 87 -12.01 -27.82 -0.22
C MET A 87 -13.06 -28.53 -1.07
N ALA A 88 -12.78 -29.76 -1.48
CA ALA A 88 -13.73 -30.52 -2.29
C ALA A 88 -14.99 -30.88 -1.52
N ASP A 89 -14.94 -30.88 -0.18
CA ASP A 89 -16.13 -31.17 0.60
C ASP A 89 -17.14 -30.05 0.53
N CYS A 90 -16.73 -28.85 0.10
CA CYS A 90 -17.68 -27.77 -0.14
C CYS A 90 -18.69 -28.13 -1.22
N CYS A 91 -18.34 -29.04 -2.12
CA CYS A 91 -19.24 -29.44 -3.21
C CYS A 91 -20.44 -30.21 -2.71
N ALA A 92 -20.36 -30.84 -1.54
CA ALA A 92 -21.51 -31.52 -0.95
C ALA A 92 -22.54 -30.56 -0.40
N LYS A 93 -22.18 -29.29 -0.19
CA LYS A 93 -23.12 -28.29 0.30
C LYS A 93 -23.87 -27.66 -0.88
N GLN A 94 -24.93 -26.96 -0.53
CA GLN A 94 -25.69 -26.17 -1.51
C GLN A 94 -25.47 -24.69 -1.26
N GLU A 95 -25.93 -23.88 -2.19
CA GLU A 95 -25.75 -22.44 -2.04
C GLU A 95 -26.78 -21.89 -1.05
N PRO A 96 -26.43 -20.82 -0.31
CA PRO A 96 -25.16 -20.08 -0.39
C PRO A 96 -24.04 -20.61 0.50
N GLU A 97 -24.24 -21.78 1.11
CA GLU A 97 -23.21 -22.31 2.01
C GLU A 97 -21.99 -22.79 1.25
N ARG A 98 -22.17 -23.32 0.04
CA ARG A 98 -21.03 -23.80 -0.73
C ARG A 98 -20.09 -22.67 -1.10
N ASN A 99 -20.65 -21.53 -1.53
CA ASN A 99 -19.81 -20.38 -1.86
C ASN A 99 -19.05 -19.88 -0.63
N GLU A 100 -19.73 -19.82 0.52
CA GLU A 100 -19.03 -19.45 1.75
C GLU A 100 -17.96 -20.47 2.10
N CYS A 101 -18.24 -21.76 1.86
CA CYS A 101 -17.26 -22.80 2.14
C CYS A 101 -16.00 -22.63 1.30
N PHE A 102 -16.19 -22.34 0.00
CA PHE A 102 -15.03 -22.09 -0.86
C PHE A 102 -14.26 -20.86 -0.43
N LEU A 103 -14.95 -19.89 0.19
CA LEU A 103 -14.29 -18.66 0.61
C LEU A 103 -13.29 -18.94 1.74
N GLN A 104 -13.71 -19.72 2.73
CA GLN A 104 -12.84 -20.00 3.87
C GLN A 104 -11.59 -20.75 3.46
N HIS A 105 -11.68 -21.61 2.46
CA HIS A 105 -10.56 -22.45 2.06
C HIS A 105 -9.67 -21.79 1.01
N LYS A 106 -9.96 -20.56 0.62
CA LYS A 106 -9.01 -19.77 -0.15
C LYS A 106 -7.72 -19.59 0.65
N ASP A 107 -6.62 -20.14 0.14
CA ASP A 107 -5.36 -20.17 0.87
C ASP A 107 -4.54 -18.94 0.53
N ASP A 108 -4.47 -17.99 1.45
CA ASP A 108 -3.47 -16.93 1.35
C ASP A 108 -2.10 -17.53 1.64
N ASN A 109 -1.07 -16.91 1.06
CA ASN A 109 0.30 -17.40 1.14
C ASN A 109 0.36 -18.88 0.71
N PRO A 110 0.15 -19.17 -0.57
CA PRO A 110 0.37 -20.55 -1.04
C PRO A 110 1.86 -20.87 -1.00
N ASN A 111 2.15 -22.16 -1.09
CA ASN A 111 3.54 -22.64 -1.08
C ASN A 111 3.98 -22.80 -2.53
N LEU A 112 4.42 -21.69 -3.12
CA LEU A 112 4.82 -21.61 -4.51
C LEU A 112 6.18 -20.94 -4.62
N PRO A 113 7.03 -21.40 -5.53
CA PRO A 113 8.34 -20.76 -5.69
C PRO A 113 8.19 -19.32 -6.16
N ARG A 114 9.17 -18.49 -5.79
CA ARG A 114 9.12 -17.08 -6.16
C ARG A 114 9.22 -16.94 -7.67
N LEU A 115 8.44 -15.99 -8.21
CA LEU A 115 8.42 -15.78 -9.66
C LEU A 115 9.75 -15.16 -10.07
N VAL A 116 10.53 -15.91 -10.84
CA VAL A 116 11.83 -15.40 -11.28
C VAL A 116 11.63 -14.55 -12.52
N ARG A 117 12.20 -13.34 -12.50
CA ARG A 117 12.12 -12.43 -13.63
C ARG A 117 13.16 -12.83 -14.67
N PRO A 118 12.73 -13.31 -15.82
CA PRO A 118 13.69 -13.72 -16.85
C PRO A 118 14.45 -12.52 -17.40
N GLU A 119 15.52 -12.83 -18.14
CA GLU A 119 16.27 -11.78 -18.79
C GLU A 119 15.40 -11.08 -19.83
N VAL A 120 15.67 -9.78 -20.02
CA VAL A 120 14.80 -8.94 -20.86
C VAL A 120 14.67 -9.53 -22.26
N ASP A 121 15.77 -10.07 -22.80
CA ASP A 121 15.73 -10.62 -24.14
C ASP A 121 14.84 -11.86 -24.21
N VAL A 122 14.84 -12.67 -23.15
CA VAL A 122 13.97 -13.84 -23.12
C VAL A 122 12.51 -13.41 -23.05
N MET A 123 12.21 -12.39 -22.23
CA MET A 123 10.83 -11.94 -22.09
C MET A 123 10.31 -11.34 -23.39
N CYS A 124 11.11 -10.49 -24.03
CA CYS A 124 10.68 -9.83 -25.26
C CYS A 124 10.51 -10.82 -26.40
N THR A 125 11.31 -11.89 -26.44
CA THR A 125 11.15 -12.89 -27.48
C THR A 125 9.88 -13.71 -27.26
N ALA A 126 9.60 -14.08 -26.01
CA ALA A 126 8.36 -14.78 -25.71
C ALA A 126 7.16 -13.88 -25.94
N PHE A 127 7.29 -12.60 -25.60
CA PHE A 127 6.21 -11.63 -25.86
C PHE A 127 5.88 -11.57 -27.34
N HIS A 128 6.91 -11.61 -28.20
CA HIS A 128 6.68 -11.49 -29.64
C HIS A 128 6.07 -12.77 -30.20
N ASP A 129 6.67 -13.93 -29.89
CA ASP A 129 6.27 -15.18 -30.52
C ASP A 129 4.97 -15.75 -29.97
N ASN A 130 4.52 -15.28 -28.80
CA ASN A 130 3.32 -15.82 -28.17
C ASN A 130 2.76 -14.84 -27.16
N GLU A 131 2.19 -13.73 -27.65
CA GLU A 131 1.79 -12.65 -26.76
C GLU A 131 0.69 -13.08 -25.80
N GLU A 132 -0.33 -13.79 -26.31
CA GLU A 132 -1.45 -14.17 -25.47
C GLU A 132 -1.02 -15.10 -24.34
N THR A 133 -0.34 -16.20 -24.69
CA THR A 133 0.08 -17.15 -23.67
C THR A 133 1.11 -16.55 -22.72
N PHE A 134 2.02 -15.73 -23.24
CA PHE A 134 3.02 -15.10 -22.39
C PHE A 134 2.36 -14.22 -21.33
N LEU A 135 1.44 -13.35 -21.76
CA LEU A 135 0.80 -12.42 -20.82
C LEU A 135 -0.16 -13.13 -19.88
N LYS A 136 -0.95 -14.08 -20.41
CA LYS A 136 -1.96 -14.72 -19.59
C LYS A 136 -1.35 -15.72 -18.60
N LYS A 137 -0.25 -16.38 -18.99
CA LYS A 137 0.44 -17.23 -18.03
C LYS A 137 0.98 -16.42 -16.87
N TYR A 138 1.52 -15.23 -17.16
CA TYR A 138 2.00 -14.36 -16.08
C TYR A 138 0.85 -13.85 -15.23
N LEU A 139 -0.26 -13.46 -15.86
CA LEU A 139 -1.45 -13.10 -15.10
C LEU A 139 -1.87 -14.23 -14.17
N TYR A 140 -1.75 -15.47 -14.65
CA TYR A 140 -2.13 -16.63 -13.84
C TYR A 140 -1.16 -16.84 -12.68
N GLU A 141 0.13 -16.58 -12.90
CA GLU A 141 1.10 -16.76 -11.83
C GLU A 141 0.95 -15.69 -10.76
N ILE A 142 0.57 -14.46 -11.14
CA ILE A 142 0.32 -13.42 -10.15
C ILE A 142 -0.93 -13.75 -9.34
N ALA A 143 -2.02 -14.10 -10.03
CA ALA A 143 -3.31 -14.29 -9.36
C ALA A 143 -3.24 -15.45 -8.37
N ARG A 144 -2.61 -16.56 -8.76
CA ARG A 144 -2.50 -17.71 -7.88
C ARG A 144 -1.61 -17.42 -6.67
N ARG A 145 -0.75 -16.39 -6.75
CA ARG A 145 0.10 -16.02 -5.64
C ARG A 145 -0.49 -14.91 -4.77
N HIS A 146 -1.54 -14.24 -5.24
CA HIS A 146 -2.21 -13.18 -4.48
C HIS A 146 -3.71 -13.39 -4.58
N PRO A 147 -4.24 -14.39 -3.87
CA PRO A 147 -5.64 -14.79 -4.08
C PRO A 147 -6.66 -13.77 -3.58
N TYR A 148 -6.25 -12.73 -2.87
CA TYR A 148 -7.17 -11.73 -2.34
C TYR A 148 -7.06 -10.39 -3.03
N PHE A 149 -6.11 -10.24 -3.96
CA PHE A 149 -6.00 -9.01 -4.74
C PHE A 149 -7.24 -8.86 -5.62
N TYR A 150 -7.93 -7.71 -5.47
CA TYR A 150 -9.14 -7.43 -6.23
C TYR A 150 -8.89 -7.62 -7.73
N ALA A 151 -9.65 -8.54 -8.33
CA ALA A 151 -9.37 -8.97 -9.70
C ALA A 151 -9.38 -7.83 -10.71
N PRO A 152 -10.36 -6.93 -10.73
CA PRO A 152 -10.28 -5.82 -11.72
C PRO A 152 -9.04 -4.98 -11.57
N GLU A 153 -8.57 -4.76 -10.33
CA GLU A 153 -7.33 -4.01 -10.15
C GLU A 153 -6.12 -4.77 -10.65
N LEU A 154 -6.13 -6.10 -10.51
CA LEU A 154 -5.06 -6.90 -11.09
C LEU A 154 -5.09 -6.83 -12.61
N LEU A 155 -6.29 -6.77 -13.20
CA LEU A 155 -6.41 -6.57 -14.64
C LEU A 155 -5.89 -5.20 -15.05
N PHE A 156 -6.12 -4.19 -14.21
CA PHE A 156 -5.64 -2.83 -14.51
C PHE A 156 -4.12 -2.79 -14.51
N PHE A 157 -3.48 -3.50 -13.58
CA PHE A 157 -2.02 -3.60 -13.59
C PHE A 157 -1.54 -4.41 -14.78
N ALA A 158 -2.26 -5.49 -15.11
CA ALA A 158 -1.83 -6.37 -16.19
C ALA A 158 -1.80 -5.64 -17.53
N LYS A 159 -2.74 -4.73 -17.75
CA LYS A 159 -2.76 -3.97 -19.00
C LYS A 159 -1.62 -2.96 -19.06
N ARG A 160 -1.12 -2.52 -17.90
CA ARG A 160 0.05 -1.65 -17.89
C ARG A 160 1.33 -2.43 -18.13
N TYR A 161 1.39 -3.68 -17.69
CA TYR A 161 2.51 -4.54 -18.04
C TYR A 161 2.58 -4.74 -19.55
N LYS A 162 1.43 -5.01 -20.18
CA LYS A 162 1.39 -5.19 -21.62
C LYS A 162 1.88 -3.94 -22.35
N ALA A 163 1.51 -2.76 -21.87
CA ALA A 163 1.97 -1.52 -22.49
C ALA A 163 3.48 -1.37 -22.33
N ALA A 164 4.04 -1.79 -21.19
CA ALA A 164 5.48 -1.69 -21.00
C ALA A 164 6.23 -2.61 -21.95
N PHE A 165 5.70 -3.81 -22.19
CA PHE A 165 6.38 -4.74 -23.09
C PHE A 165 6.28 -4.29 -24.54
N THR A 166 5.15 -3.70 -24.92
CA THR A 166 4.99 -3.24 -26.30
C THR A 166 5.97 -2.12 -26.63
N GLU A 167 6.21 -1.22 -25.69
CA GLU A 167 7.07 -0.07 -25.95
C GLU A 167 8.55 -0.43 -25.86
N CYS A 168 8.94 -1.16 -24.81
CA CYS A 168 10.37 -1.35 -24.56
C CYS A 168 10.97 -2.52 -25.34
N CYS A 169 10.16 -3.51 -25.73
CA CYS A 169 10.69 -4.60 -26.53
C CYS A 169 11.04 -4.18 -27.95
N GLN A 170 10.76 -2.93 -28.32
CA GLN A 170 11.12 -2.41 -29.62
C GLN A 170 12.16 -1.30 -29.53
N ALA A 171 12.56 -0.92 -28.32
CA ALA A 171 13.51 0.16 -28.12
C ALA A 171 14.95 -0.32 -28.37
N ALA A 172 15.87 0.64 -28.42
CA ALA A 172 17.28 0.34 -28.61
C ALA A 172 17.81 -0.49 -27.45
N ASP A 173 17.91 0.13 -26.28
CA ASP A 173 18.27 -0.57 -25.05
C ASP A 173 16.97 -0.98 -24.37
N LYS A 174 16.55 -2.22 -24.62
CA LYS A 174 15.27 -2.70 -24.08
C LYS A 174 15.28 -2.71 -22.56
N ALA A 175 16.40 -3.13 -21.95
CA ALA A 175 16.46 -3.23 -20.49
C ALA A 175 16.35 -1.86 -19.83
N ALA A 176 16.92 -0.83 -20.45
CA ALA A 176 16.85 0.51 -19.86
C ALA A 176 15.43 1.05 -19.85
N CYS A 177 14.60 0.58 -20.79
CA CYS A 177 13.20 0.99 -20.83
C CYS A 177 12.34 0.13 -19.91
N LEU A 178 12.52 -1.19 -19.97
CA LEU A 178 11.59 -2.11 -19.33
C LEU A 178 11.82 -2.22 -17.83
N LEU A 179 13.07 -2.42 -17.41
CA LEU A 179 13.35 -2.74 -16.02
C LEU A 179 12.89 -1.66 -15.03
N PRO A 180 13.08 -0.36 -15.28
CA PRO A 180 12.48 0.62 -14.36
C PRO A 180 10.96 0.57 -14.35
N LYS A 181 10.35 0.33 -15.51
CA LYS A 181 8.89 0.23 -15.58
C LYS A 181 8.39 -1.01 -14.84
N LEU A 182 9.11 -2.13 -14.98
CA LEU A 182 8.71 -3.35 -14.27
C LEU A 182 8.84 -3.17 -12.77
N ASP A 183 9.93 -2.54 -12.31
CA ASP A 183 10.11 -2.30 -10.89
C ASP A 183 9.06 -1.34 -10.35
N GLU A 184 8.72 -0.31 -11.14
CA GLU A 184 7.70 0.63 -10.72
C GLU A 184 6.35 -0.06 -10.54
N LEU A 185 5.99 -0.94 -11.47
CA LEU A 185 4.73 -1.67 -11.35
C LEU A 185 4.75 -2.61 -10.15
N ARG A 186 5.88 -3.26 -9.90
CA ARG A 186 5.99 -4.16 -8.76
C ARG A 186 5.76 -3.42 -7.45
N ASP A 187 6.39 -2.25 -7.30
CA ASP A 187 6.18 -1.46 -6.09
C ASP A 187 4.74 -0.98 -5.98
N GLU A 188 4.13 -0.59 -7.11
CA GLU A 188 2.74 -0.16 -7.09
C GLU A 188 1.81 -1.30 -6.69
N GLY A 189 2.10 -2.51 -7.17
CA GLY A 189 1.28 -3.65 -6.80
C GLY A 189 1.41 -4.02 -5.33
N LYS A 190 2.64 -4.00 -4.81
CA LYS A 190 2.84 -4.29 -3.40
C LYS A 190 2.19 -3.23 -2.53
N ALA A 191 2.24 -1.97 -2.96
CA ALA A 191 1.64 -0.89 -2.17
C ALA A 191 0.11 -1.00 -2.17
N SER A 192 -0.47 -1.36 -3.31
CA SER A 192 -1.93 -1.53 -3.37
C SER A 192 -2.38 -2.66 -2.45
N SER A 193 -1.68 -3.79 -2.49
CA SER A 193 -2.02 -4.92 -1.63
C SER A 193 -1.86 -4.55 -0.16
N ALA A 194 -0.84 -3.74 0.17
CA ALA A 194 -0.61 -3.35 1.55
C ALA A 194 -1.71 -2.44 2.07
N LYS A 195 -2.13 -1.46 1.25
CA LYS A 195 -3.22 -0.58 1.66
C LYS A 195 -4.50 -1.36 1.90
N GLN A 196 -4.84 -2.27 0.98
CA GLN A 196 -6.07 -3.05 1.11
C GLN A 196 -6.09 -3.83 2.43
N ARG A 197 -5.03 -4.60 2.69
CA ARG A 197 -4.99 -5.40 3.92
C ARG A 197 -4.92 -4.53 5.17
N LEU A 198 -4.37 -3.31 5.04
CA LEU A 198 -4.37 -2.36 6.16
C LEU A 198 -5.79 -1.96 6.55
N LYS A 199 -6.59 -1.54 5.55
CA LYS A 199 -7.96 -1.11 5.83
C LYS A 199 -8.80 -2.23 6.42
N CYS A 200 -8.57 -3.47 5.98
CA CYS A 200 -9.35 -4.60 6.48
C CYS A 200 -9.00 -4.90 7.94
N ALA A 201 -7.70 -4.98 8.25
CA ALA A 201 -7.31 -5.29 9.62
C ALA A 201 -7.70 -4.17 10.57
N SER A 202 -7.59 -2.91 10.12
CA SER A 202 -8.01 -1.79 10.96
C SER A 202 -9.51 -1.79 11.16
N LEU A 203 -10.28 -2.20 10.14
CA LEU A 203 -11.73 -2.31 10.28
C LEU A 203 -12.11 -3.33 11.35
N GLN A 204 -11.31 -4.39 11.50
CA GLN A 204 -11.62 -5.43 12.47
C GLN A 204 -11.13 -5.06 13.86
N LYS A 205 -9.88 -4.59 13.96
CA LYS A 205 -9.30 -4.32 15.27
C LYS A 205 -9.91 -3.06 15.90
N PHE A 206 -9.87 -1.95 15.18
CA PHE A 206 -10.28 -0.66 15.75
C PHE A 206 -11.78 -0.41 15.62
N GLY A 207 -12.43 -0.98 14.61
CA GLY A 207 -13.88 -0.94 14.50
C GLY A 207 -14.34 -0.12 13.30
N GLU A 208 -15.67 -0.08 13.18
CA GLU A 208 -16.31 0.61 12.06
C GLU A 208 -16.30 2.12 12.24
N ARG A 209 -16.39 2.60 13.48
CA ARG A 209 -16.41 4.04 13.73
C ARG A 209 -15.10 4.69 13.33
N ALA A 210 -13.97 4.03 13.61
CA ALA A 210 -12.68 4.58 13.22
C ALA A 210 -12.55 4.66 11.70
N PHE A 211 -13.00 3.62 10.99
CA PHE A 211 -12.98 3.66 9.54
C PHE A 211 -13.88 4.76 9.01
N LYS A 212 -15.03 4.98 9.63
CA LYS A 212 -15.94 6.03 9.20
C LYS A 212 -15.31 7.40 9.38
N ALA A 213 -14.64 7.61 10.51
CA ALA A 213 -13.94 8.88 10.73
C ALA A 213 -12.86 9.11 9.68
N TRP A 214 -12.09 8.07 9.36
CA TRP A 214 -11.10 8.18 8.29
C TRP A 214 -11.78 8.56 6.97
N ALA A 215 -12.90 7.91 6.65
CA ALA A 215 -13.57 8.16 5.39
C ALA A 215 -14.11 9.57 5.31
N VAL A 216 -14.64 10.10 6.41
CA VAL A 216 -15.14 11.47 6.43
C VAL A 216 -14.03 12.44 6.05
N ALA A 217 -12.86 12.28 6.66
CA ALA A 217 -11.75 13.18 6.38
C ALA A 217 -11.30 13.07 4.93
N ARG A 218 -11.10 11.85 4.44
CA ARG A 218 -10.62 11.66 3.07
C ARG A 218 -11.66 12.14 2.06
N LEU A 219 -12.93 11.82 2.29
CA LEU A 219 -13.97 12.22 1.33
C LEU A 219 -14.23 13.72 1.36
N SER A 220 -14.04 14.36 2.51
CA SER A 220 -14.23 15.81 2.59
C SER A 220 -13.09 16.54 1.89
N GLN A 221 -11.86 16.00 1.99
CA GLN A 221 -10.75 16.56 1.23
C GLN A 221 -10.99 16.39 -0.27
N ARG A 222 -11.58 15.26 -0.65
CA ARG A 222 -11.77 14.95 -2.06
C ARG A 222 -12.91 15.75 -2.68
N PHE A 223 -14.03 15.87 -1.96
CA PHE A 223 -15.22 16.57 -2.44
C PHE A 223 -15.57 17.69 -1.48
N PRO A 224 -14.79 18.78 -1.46
CA PRO A 224 -15.04 19.85 -0.49
C PRO A 224 -16.32 20.63 -0.77
N LYS A 225 -16.80 20.67 -2.01
CA LYS A 225 -18.04 21.37 -2.34
C LYS A 225 -19.29 20.57 -2.00
N ALA A 226 -19.15 19.35 -1.51
CA ALA A 226 -20.31 18.54 -1.16
C ALA A 226 -20.81 18.89 0.24
N GLU A 227 -22.11 18.72 0.45
CA GLU A 227 -22.69 18.92 1.77
C GLU A 227 -22.31 17.76 2.69
N PHE A 228 -22.37 18.02 4.00
CA PHE A 228 -22.04 16.97 4.96
C PHE A 228 -22.97 15.78 4.84
N ALA A 229 -24.25 16.04 4.54
CA ALA A 229 -25.20 14.94 4.37
C ALA A 229 -24.80 14.05 3.20
N GLU A 230 -24.27 14.64 2.13
CA GLU A 230 -23.79 13.85 1.00
C GLU A 230 -22.55 13.05 1.37
N VAL A 231 -21.64 13.65 2.13
CA VAL A 231 -20.43 12.95 2.56
C VAL A 231 -20.78 11.80 3.49
N SER A 232 -21.70 12.05 4.43
CA SER A 232 -22.11 10.99 5.36
C SER A 232 -22.80 9.84 4.62
N LYS A 233 -23.56 10.15 3.57
CA LYS A 233 -24.16 9.10 2.76
C LYS A 233 -23.08 8.27 2.09
N LEU A 234 -22.09 8.93 1.49
CA LEU A 234 -20.99 8.23 0.84
C LEU A 234 -20.16 7.44 1.85
N VAL A 235 -20.00 7.98 3.06
CA VAL A 235 -19.22 7.29 4.08
C VAL A 235 -19.92 6.00 4.50
N THR A 236 -21.24 6.04 4.65
CA THR A 236 -21.98 4.83 5.00
C THR A 236 -21.88 3.78 3.91
N ASP A 237 -21.99 4.21 2.64
CA ASP A 237 -21.87 3.27 1.53
C ASP A 237 -20.46 2.73 1.42
N LEU A 238 -19.45 3.59 1.56
CA LEU A 238 -18.07 3.15 1.43
C LEU A 238 -17.69 2.17 2.52
N THR A 239 -18.27 2.31 3.72
CA THR A 239 -17.98 1.37 4.80
C THR A 239 -18.58 0.00 4.51
N LYS A 240 -19.81 -0.04 3.98
CA LYS A 240 -20.39 -1.32 3.59
C LYS A 240 -19.60 -1.95 2.46
N VAL A 241 -19.09 -1.14 1.53
CA VAL A 241 -18.30 -1.66 0.41
C VAL A 241 -17.05 -2.36 0.93
N HIS A 242 -16.28 -1.67 1.78
CA HIS A 242 -15.03 -2.23 2.26
C HIS A 242 -15.27 -3.41 3.19
N THR A 243 -16.35 -3.38 3.97
CA THR A 243 -16.68 -4.54 4.80
C THR A 243 -16.91 -5.78 3.95
N GLU A 244 -17.70 -5.64 2.88
CA GLU A 244 -17.94 -6.77 1.99
C GLU A 244 -16.67 -7.18 1.25
N CYS A 245 -15.92 -6.20 0.73
CA CYS A 245 -14.71 -6.53 -0.01
C CYS A 245 -13.65 -7.18 0.87
N CYS A 246 -13.59 -6.79 2.15
CA CYS A 246 -12.69 -7.46 3.08
C CYS A 246 -13.12 -8.89 3.35
N HIS A 247 -14.43 -9.17 3.28
CA HIS A 247 -14.91 -10.52 3.53
C HIS A 247 -14.43 -11.49 2.46
N GLY A 248 -14.31 -11.04 1.22
CA GLY A 248 -13.63 -11.80 0.19
C GLY A 248 -14.44 -12.19 -1.03
N ASP A 249 -15.76 -11.96 -1.08
CA ASP A 249 -16.54 -12.36 -2.24
C ASP A 249 -16.32 -11.37 -3.37
N LEU A 250 -15.71 -11.83 -4.47
CA LEU A 250 -15.36 -10.93 -5.57
C LEU A 250 -16.58 -10.30 -6.21
N LEU A 251 -17.65 -11.08 -6.42
CA LEU A 251 -18.80 -10.56 -7.16
C LEU A 251 -19.64 -9.62 -6.30
N GLU A 252 -19.81 -9.94 -5.02
CA GLU A 252 -20.54 -9.03 -4.13
C GLU A 252 -19.76 -7.75 -3.91
N CYS A 253 -18.44 -7.85 -3.77
CA CYS A 253 -17.61 -6.65 -3.66
C CYS A 253 -17.69 -5.81 -4.92
N ALA A 254 -17.76 -6.46 -6.09
CA ALA A 254 -17.81 -5.72 -7.35
C ALA A 254 -19.16 -5.03 -7.53
N ASP A 255 -20.25 -5.69 -7.12
CA ASP A 255 -21.57 -5.08 -7.25
C ASP A 255 -21.69 -3.87 -6.32
N ASP A 256 -21.18 -3.98 -5.09
CA ASP A 256 -21.22 -2.85 -4.17
C ASP A 256 -20.41 -1.67 -4.69
N ARG A 257 -19.23 -1.96 -5.27
CA ARG A 257 -18.39 -0.90 -5.79
C ARG A 257 -19.04 -0.21 -6.99
N ALA A 258 -19.62 -1.00 -7.90
CA ALA A 258 -20.28 -0.43 -9.07
C ALA A 258 -21.52 0.37 -8.67
N ASP A 259 -22.24 -0.07 -7.65
CA ASP A 259 -23.42 0.69 -7.21
C ASP A 259 -23.02 2.03 -6.63
N LEU A 260 -21.92 2.08 -5.89
CA LEU A 260 -21.42 3.35 -5.37
C LEU A 260 -20.99 4.27 -6.51
N ALA A 261 -20.24 3.74 -7.47
CA ALA A 261 -19.80 4.55 -8.59
C ALA A 261 -20.97 5.03 -9.44
N LYS A 262 -22.02 4.21 -9.54
CA LYS A 262 -23.22 4.64 -10.27
C LYS A 262 -23.90 5.81 -9.55
N TYR A 263 -24.02 5.72 -8.23
CA TYR A 263 -24.66 6.80 -7.48
C TYR A 263 -23.84 8.08 -7.56
N ILE A 264 -22.52 7.98 -7.46
CA ILE A 264 -21.66 9.15 -7.57
C ILE A 264 -21.80 9.80 -8.93
N CYS A 265 -21.85 8.99 -9.98
CA CYS A 265 -21.93 9.52 -11.34
C CYS A 265 -23.29 10.12 -11.67
N GLU A 266 -24.34 9.68 -10.98
CA GLU A 266 -25.66 10.27 -11.16
C GLU A 266 -25.87 11.52 -10.33
N ASN A 267 -24.94 11.83 -9.41
CA ASN A 267 -25.06 12.96 -8.51
C ASN A 267 -23.76 13.76 -8.48
N GLN A 268 -23.10 13.88 -9.63
CA GLN A 268 -21.87 14.66 -9.71
C GLN A 268 -22.10 16.11 -9.29
N ASP A 269 -23.28 16.64 -9.60
CA ASP A 269 -23.58 18.03 -9.26
C ASP A 269 -23.53 18.27 -7.76
N SER A 270 -23.80 17.24 -6.97
CA SER A 270 -23.79 17.35 -5.51
C SER A 270 -22.51 16.79 -4.90
N ILE A 271 -21.54 16.40 -5.71
CA ILE A 271 -20.33 15.75 -5.18
C ILE A 271 -19.08 16.49 -5.62
N SER A 272 -18.79 16.49 -6.92
CA SER A 272 -17.54 17.07 -7.41
C SER A 272 -17.68 17.41 -8.89
N SER A 273 -16.78 18.27 -9.36
CA SER A 273 -16.76 18.71 -10.75
C SER A 273 -15.65 18.06 -11.56
N LYS A 274 -14.93 17.09 -11.00
CA LYS A 274 -13.79 16.47 -11.67
C LYS A 274 -14.06 15.02 -12.04
N LEU A 275 -15.32 14.60 -12.04
CA LEU A 275 -15.69 13.20 -12.27
C LEU A 275 -16.26 12.95 -13.65
N LYS A 276 -16.27 13.95 -14.53
CA LYS A 276 -16.94 13.79 -15.83
C LYS A 276 -16.31 12.68 -16.65
N GLU A 277 -14.99 12.57 -16.64
CA GLU A 277 -14.31 11.52 -17.41
C GLU A 277 -14.55 10.15 -16.81
N CYS A 278 -14.31 10.00 -15.50
CA CYS A 278 -14.47 8.70 -14.85
C CYS A 278 -15.89 8.16 -15.04
N CYS A 279 -16.87 9.05 -15.10
CA CYS A 279 -18.26 8.64 -15.25
C CYS A 279 -18.65 8.34 -16.68
N GLU A 280 -17.77 8.62 -17.64
CA GLU A 280 -17.92 8.18 -19.01
C GLU A 280 -17.21 6.86 -19.28
N LYS A 281 -16.36 6.41 -18.35
CA LYS A 281 -15.59 5.19 -18.56
C LYS A 281 -16.49 3.96 -18.40
N PRO A 282 -16.08 2.82 -18.94
CA PRO A 282 -16.88 1.59 -18.77
C PRO A 282 -16.98 1.19 -17.31
N LEU A 283 -17.95 0.30 -17.04
CA LEU A 283 -18.23 -0.10 -15.65
C LEU A 283 -17.00 -0.70 -14.98
N LEU A 284 -16.18 -1.42 -15.75
CA LEU A 284 -15.01 -2.08 -15.17
C LEU A 284 -14.05 -1.07 -14.54
N GLU A 285 -13.94 0.13 -15.12
CA GLU A 285 -12.96 1.11 -14.72
C GLU A 285 -13.56 2.30 -13.98
N LYS A 286 -14.87 2.34 -13.81
CA LYS A 286 -15.52 3.54 -13.26
C LYS A 286 -15.10 3.78 -11.81
N SER A 287 -15.24 2.76 -10.95
CA SER A 287 -14.92 2.95 -9.54
C SER A 287 -13.43 3.22 -9.32
N HIS A 288 -12.58 2.54 -10.08
CA HIS A 288 -11.14 2.76 -9.97
C HIS A 288 -10.77 4.20 -10.29
N CYS A 289 -11.36 4.74 -11.37
CA CYS A 289 -11.08 6.11 -11.76
C CYS A 289 -11.50 7.10 -10.68
N ILE A 290 -12.69 6.91 -10.11
CA ILE A 290 -13.18 7.82 -9.08
C ILE A 290 -12.30 7.76 -7.83
N ALA A 291 -11.78 6.57 -7.51
CA ALA A 291 -10.99 6.42 -6.29
C ALA A 291 -9.68 7.18 -6.38
N GLU A 292 -9.19 7.44 -7.59
CA GLU A 292 -7.90 8.08 -7.77
C GLU A 292 -8.01 9.50 -8.33
N VAL A 293 -9.23 10.02 -8.51
CA VAL A 293 -9.40 11.34 -9.11
C VAL A 293 -8.93 12.41 -8.14
N GLU A 294 -8.42 13.51 -8.69
CA GLU A 294 -7.86 14.59 -7.90
C GLU A 294 -8.92 15.22 -6.99
N ASN A 295 -8.45 15.81 -5.90
CA ASN A 295 -9.33 16.59 -5.03
C ASN A 295 -9.96 17.73 -5.83
N ASP A 296 -11.23 17.99 -5.54
CA ASP A 296 -11.89 19.14 -6.15
C ASP A 296 -11.42 20.42 -5.48
N GLU A 297 -11.48 21.52 -6.23
CA GLU A 297 -11.12 22.82 -5.66
C GLU A 297 -12.15 23.21 -4.61
N MET A 298 -11.65 23.67 -3.46
CA MET A 298 -12.54 23.95 -2.34
C MET A 298 -13.27 25.27 -2.55
N PRO A 299 -14.43 25.44 -1.91
CA PRO A 299 -15.10 26.76 -1.96
C PRO A 299 -14.23 27.83 -1.33
N ALA A 300 -13.96 28.89 -2.11
CA ALA A 300 -13.09 29.95 -1.63
C ALA A 300 -13.75 30.81 -0.57
N ASP A 301 -15.07 30.76 -0.44
CA ASP A 301 -15.82 31.62 0.47
C ASP A 301 -15.95 31.02 1.87
N LEU A 302 -15.03 30.15 2.27
CA LEU A 302 -15.25 29.39 3.49
C LEU A 302 -14.89 30.23 4.72
N PRO A 303 -15.74 30.22 5.75
CA PRO A 303 -15.44 30.98 6.98
C PRO A 303 -14.54 30.20 7.91
N SER A 304 -14.37 30.71 9.13
CA SER A 304 -13.69 29.99 10.17
C SER A 304 -14.62 28.97 10.81
N LEU A 305 -14.02 27.98 11.47
CA LEU A 305 -14.78 26.98 12.21
C LEU A 305 -15.23 27.48 13.58
N ALA A 306 -14.80 28.69 13.97
CA ALA A 306 -15.11 29.20 15.30
C ALA A 306 -16.60 29.45 15.48
N ALA A 307 -17.32 29.82 14.42
CA ALA A 307 -18.71 30.21 14.59
C ALA A 307 -19.58 29.03 15.01
N ASP A 308 -19.20 27.80 14.66
CA ASP A 308 -20.02 26.64 14.93
C ASP A 308 -19.45 25.70 15.97
N PHE A 309 -18.19 25.88 16.39
CA PHE A 309 -17.54 24.87 17.19
C PHE A 309 -16.84 25.37 18.46
N VAL A 310 -16.80 26.69 18.71
CA VAL A 310 -16.26 27.18 19.97
C VAL A 310 -17.10 28.33 20.50
N GLU A 311 -17.47 29.27 19.63
CA GLU A 311 -18.11 30.51 20.08
C GLU A 311 -19.59 30.31 20.36
N SER A 312 -20.35 29.89 19.36
CA SER A 312 -21.79 29.81 19.47
C SER A 312 -22.20 28.90 20.63
N LYS A 313 -23.30 29.26 21.27
CA LYS A 313 -23.92 28.34 22.21
C LYS A 313 -24.51 27.16 21.45
N ASP A 314 -25.10 26.22 22.20
CA ASP A 314 -25.60 24.96 21.64
C ASP A 314 -24.47 24.18 20.99
N VAL A 315 -23.28 24.26 21.58
CA VAL A 315 -22.18 23.39 21.19
C VAL A 315 -22.22 22.09 21.98
N CYS A 316 -22.38 22.22 23.29
CA CYS A 316 -22.49 21.02 24.13
C CYS A 316 -23.84 20.34 23.85
N LYS A 317 -24.88 21.11 23.59
CA LYS A 317 -26.21 20.52 23.37
C LYS A 317 -26.20 19.75 22.06
N ASN A 318 -25.66 20.34 20.99
CA ASN A 318 -25.57 19.67 19.67
C ASN A 318 -24.67 18.43 19.76
N TYR A 319 -23.63 18.50 20.58
CA TYR A 319 -22.72 17.35 20.76
C TYR A 319 -23.48 16.21 21.43
N ALA A 320 -24.09 16.47 22.59
CA ALA A 320 -24.77 15.40 23.33
C ALA A 320 -25.91 14.80 22.51
N GLU A 321 -26.55 15.60 21.68
CA GLU A 321 -27.66 15.12 20.80
C GLU A 321 -27.14 14.00 19.89
N ALA A 322 -25.96 14.18 19.29
CA ALA A 322 -25.36 13.18 18.39
C ALA A 322 -23.86 13.39 18.36
N LYS A 323 -23.13 12.79 19.28
CA LYS A 323 -21.67 13.06 19.42
C LYS A 323 -20.93 12.77 18.12
N ASP A 324 -21.05 11.57 17.58
CA ASP A 324 -20.30 11.16 16.37
C ASP A 324 -20.64 12.07 15.18
N VAL A 325 -21.90 12.42 15.03
CA VAL A 325 -22.31 13.33 13.92
C VAL A 325 -21.67 14.71 14.11
N PHE A 326 -21.70 15.24 15.33
CA PHE A 326 -21.09 16.57 15.60
C PHE A 326 -19.58 16.52 15.34
N LEU A 327 -18.93 15.46 15.81
CA LEU A 327 -17.48 15.30 15.58
C LEU A 327 -17.23 15.08 14.09
N GLY A 328 -18.13 14.39 13.41
CA GLY A 328 -18.01 14.22 11.95
C GLY A 328 -18.13 15.53 11.21
N MET A 329 -19.04 16.40 11.67
CA MET A 329 -19.19 17.73 11.05
C MET A 329 -17.89 18.51 11.21
N PHE A 330 -17.30 18.46 12.41
CA PHE A 330 -16.01 19.11 12.67
C PHE A 330 -14.95 18.57 11.70
N LEU A 331 -14.85 17.26 11.59
CA LEU A 331 -13.87 16.62 10.68
C LEU A 331 -14.13 17.08 9.24
N TYR A 332 -15.39 17.06 8.80
CA TYR A 332 -15.74 17.46 7.41
C TYR A 332 -15.31 18.90 7.14
N GLU A 333 -15.62 19.80 8.07
CA GLU A 333 -15.32 21.24 7.85
C GLU A 333 -13.80 21.46 7.83
N TYR A 334 -13.08 20.83 8.76
CA TYR A 334 -11.61 20.98 8.82
C TYR A 334 -10.97 20.36 7.58
N ALA A 335 -11.39 19.15 7.21
CA ALA A 335 -10.74 18.42 6.10
C ALA A 335 -10.95 19.12 4.76
N ARG A 336 -12.16 19.61 4.51
CA ARG A 336 -12.46 20.27 3.22
C ARG A 336 -11.56 21.50 3.05
N ARG A 337 -11.18 22.13 4.16
CA ARG A 337 -10.36 23.35 4.14
C ARG A 337 -8.89 22.96 4.13
N HIS A 338 -8.60 21.69 4.41
CA HIS A 338 -7.18 21.29 4.52
C HIS A 338 -6.86 20.03 3.70
N PRO A 339 -6.71 20.12 2.37
CA PRO A 339 -6.24 18.98 1.58
C PRO A 339 -4.72 18.85 1.76
N ASP A 340 -4.10 19.81 2.44
CA ASP A 340 -2.63 19.81 2.69
C ASP A 340 -2.30 18.94 3.90
N TYR A 341 -3.31 18.50 4.61
CA TYR A 341 -3.06 17.73 5.85
C TYR A 341 -3.18 16.24 5.56
N SER A 342 -2.54 15.44 6.40
CA SER A 342 -2.72 13.97 6.31
C SER A 342 -4.07 13.69 6.94
N VAL A 343 -4.70 12.59 6.56
CA VAL A 343 -5.98 12.19 7.19
C VAL A 343 -5.76 11.97 8.69
N VAL A 344 -4.68 11.29 9.05
CA VAL A 344 -4.40 10.99 10.48
C VAL A 344 -4.19 12.27 11.30
N LEU A 345 -3.68 13.35 10.71
CA LEU A 345 -3.57 14.62 11.47
C LEU A 345 -4.97 15.15 11.73
N LEU A 346 -5.83 15.12 10.72
CA LEU A 346 -7.22 15.57 10.89
C LEU A 346 -7.90 14.76 12.01
N LEU A 347 -7.58 13.48 12.11
CA LEU A 347 -8.18 12.60 13.14
C LEU A 347 -7.61 12.96 14.52
N ARG A 348 -6.33 13.32 14.58
CA ARG A 348 -5.70 13.75 15.84
C ARG A 348 -6.39 15.02 16.33
N LEU A 349 -6.70 15.93 15.41
CA LEU A 349 -7.38 17.20 15.76
C LEU A 349 -8.81 16.93 16.24
N ALA A 350 -9.50 15.99 15.60
CA ALA A 350 -10.89 15.64 15.97
C ALA A 350 -10.92 14.94 17.32
N LYS A 351 -9.94 14.08 17.57
CA LYS A 351 -9.87 13.40 18.88
C LYS A 351 -9.55 14.44 19.95
N THR A 352 -8.74 15.44 19.61
CA THR A 352 -8.39 16.52 20.57
C THR A 352 -9.67 17.29 20.90
N TYR A 353 -10.44 17.64 19.87
CA TYR A 353 -11.74 18.34 20.08
C TYR A 353 -12.66 17.47 20.94
N GLU A 354 -12.75 16.17 20.62
CA GLU A 354 -13.65 15.25 21.35
C GLU A 354 -13.29 15.27 22.84
N THR A 355 -12.02 15.04 23.14
CA THR A 355 -11.55 15.04 24.54
C THR A 355 -11.93 16.38 25.19
N THR A 356 -11.62 17.48 24.54
CA THR A 356 -11.87 18.78 25.19
C THR A 356 -13.37 19.00 25.42
N LEU A 357 -14.20 18.65 24.45
CA LEU A 357 -15.67 18.84 24.57
C LEU A 357 -16.18 17.95 25.70
N GLU A 358 -15.57 16.79 25.90
CA GLU A 358 -16.07 15.86 26.94
C GLU A 358 -15.77 16.39 28.33
N LYS A 359 -14.69 17.14 28.49
CA LYS A 359 -14.29 17.69 29.80
C LYS A 359 -15.06 18.98 30.04
N CYS A 360 -15.15 19.80 29.02
CA CYS A 360 -15.78 21.14 29.14
C CYS A 360 -17.30 21.08 29.21
N CYS A 361 -17.94 20.15 28.51
CA CYS A 361 -19.41 20.11 28.49
C CYS A 361 -19.90 19.62 29.86
N ALA A 362 -19.00 19.04 30.65
CA ALA A 362 -19.35 18.60 32.02
C ALA A 362 -19.04 19.72 33.02
N ALA A 363 -18.49 20.85 32.55
CA ALA A 363 -18.11 21.96 33.44
C ALA A 363 -19.23 22.98 33.54
N ALA A 364 -19.15 23.87 34.55
CA ALA A 364 -20.23 24.85 34.80
C ALA A 364 -20.36 25.84 33.64
N ASP A 365 -19.28 26.51 33.24
CA ASP A 365 -19.30 27.40 32.05
C ASP A 365 -18.47 26.69 30.98
N PRO A 366 -19.08 25.85 30.13
CA PRO A 366 -18.32 25.07 29.16
C PRO A 366 -17.52 25.96 28.22
N HIS A 367 -18.13 27.04 27.75
CA HIS A 367 -17.48 27.99 26.82
C HIS A 367 -16.11 28.40 27.37
N GLU A 368 -15.98 28.47 28.69
CA GLU A 368 -14.71 28.92 29.32
C GLU A 368 -13.57 27.96 29.00
N CYS A 369 -13.76 26.65 29.15
CA CYS A 369 -12.58 25.78 28.87
C CYS A 369 -12.52 25.29 27.43
N TYR A 370 -13.60 25.44 26.67
CA TYR A 370 -13.48 25.07 25.24
C TYR A 370 -13.19 26.31 24.43
N ALA A 371 -12.67 27.35 25.08
CA ALA A 371 -12.44 28.64 24.40
C ALA A 371 -11.20 28.57 23.52
N LYS A 372 -10.11 28.06 24.07
CA LYS A 372 -8.84 28.08 23.31
C LYS A 372 -8.46 26.69 22.82
N VAL A 373 -9.38 25.97 22.20
CA VAL A 373 -9.06 24.56 21.80
C VAL A 373 -8.39 24.58 20.43
N PHE A 374 -8.62 25.63 19.66
CA PHE A 374 -7.96 25.74 18.33
C PHE A 374 -6.48 26.04 18.53
N ASP A 375 -6.13 26.45 19.75
CA ASP A 375 -4.71 26.72 20.09
C ASP A 375 -4.04 25.36 20.25
N GLU A 376 -4.81 24.35 20.64
CA GLU A 376 -4.24 22.99 20.85
C GLU A 376 -4.02 22.29 19.52
N PHE A 377 -4.45 22.90 18.42
CA PHE A 377 -4.30 22.20 17.12
C PHE A 377 -2.95 22.59 16.54
N LYS A 378 -2.40 23.73 16.97
CA LYS A 378 -1.16 24.24 16.38
C LYS A 378 0.01 23.28 16.53
N PRO A 379 0.34 22.76 17.72
CA PRO A 379 1.51 21.87 17.80
C PRO A 379 1.34 20.58 17.03
N LEU A 380 0.11 20.03 17.01
CA LEU A 380 -0.13 18.81 16.26
C LEU A 380 0.03 19.04 14.77
N VAL A 381 -0.32 20.23 14.28
CA VAL A 381 -0.13 20.55 12.87
C VAL A 381 1.35 20.71 12.56
N GLU A 382 2.11 21.29 13.50
CA GLU A 382 3.50 21.64 13.24
C GLU A 382 4.43 20.44 13.27
N GLU A 383 4.09 19.40 14.05
CA GLU A 383 5.00 18.27 14.19
C GLU A 383 5.27 17.56 12.87
N PRO A 384 4.27 17.16 12.08
CA PRO A 384 4.59 16.55 10.79
C PRO A 384 5.18 17.56 9.81
N GLN A 385 4.69 18.80 9.82
CA GLN A 385 5.19 19.80 8.90
C GLN A 385 6.68 20.07 9.12
N ASN A 386 7.11 20.11 10.39
CA ASN A 386 8.54 20.29 10.66
C ASN A 386 9.34 19.08 10.22
N LEU A 387 8.83 17.88 10.50
CA LEU A 387 9.55 16.67 10.13
C LEU A 387 9.72 16.56 8.61
N ILE A 388 8.71 16.99 7.85
CA ILE A 388 8.80 16.92 6.40
C ILE A 388 9.80 17.94 5.88
N LYS A 389 9.74 19.17 6.39
CA LYS A 389 10.62 20.22 5.90
C LYS A 389 12.09 19.89 6.14
N GLN A 390 12.40 19.38 7.34
CA GLN A 390 13.80 19.06 7.65
C GLN A 390 14.29 17.86 6.84
N ASN A 391 13.45 16.84 6.70
CA ASN A 391 13.90 15.65 5.97
C ASN A 391 14.01 15.92 4.48
N CYS A 392 13.12 16.74 3.93
CA CYS A 392 13.25 17.11 2.52
C CYS A 392 14.46 18.00 2.28
N GLU A 393 14.86 18.78 3.29
CA GLU A 393 16.10 19.54 3.20
C GLU A 393 17.30 18.61 3.22
N LEU A 394 17.26 17.58 4.07
CA LEU A 394 18.33 16.60 4.10
C LEU A 394 18.43 15.84 2.78
N PHE A 395 17.28 15.55 2.16
CA PHE A 395 17.31 14.85 0.88
C PHE A 395 17.91 15.72 -0.22
N GLU A 396 17.78 17.04 -0.10
CA GLU A 396 18.36 17.97 -1.06
C GLU A 396 19.84 18.23 -0.81
N GLN A 397 20.28 18.23 0.45
CA GLN A 397 21.70 18.34 0.74
C GLN A 397 22.46 17.13 0.21
N LEU A 398 22.12 15.95 0.71
CA LEU A 398 22.71 14.71 0.25
C LEU A 398 22.00 14.25 -1.03
N GLY A 399 22.42 13.09 -1.54
CA GLY A 399 21.66 12.40 -2.56
C GLY A 399 20.62 11.50 -1.94
N GLU A 400 19.90 10.78 -2.81
CA GLU A 400 18.98 9.75 -2.30
C GLU A 400 19.75 8.67 -1.55
N TYR A 401 20.89 8.25 -2.10
CA TYR A 401 21.67 7.18 -1.48
C TYR A 401 22.25 7.62 -0.14
N LYS A 402 22.87 8.80 -0.10
CA LYS A 402 23.44 9.29 1.15
C LYS A 402 22.36 9.70 2.15
N PHE A 403 21.17 10.06 1.67
CA PHE A 403 20.05 10.26 2.58
C PHE A 403 19.61 8.93 3.17
N GLN A 404 19.57 7.88 2.35
CA GLN A 404 19.29 6.53 2.85
C GLN A 404 20.30 6.14 3.92
N ASN A 405 21.58 6.47 3.71
CA ASN A 405 22.60 6.13 4.68
C ASN A 405 22.43 6.92 5.97
N ALA A 406 21.91 8.14 5.89
CA ALA A 406 21.62 8.91 7.10
C ALA A 406 20.49 8.27 7.88
N LEU A 407 19.40 7.89 7.19
CA LEU A 407 18.33 7.15 7.84
C LEU A 407 18.85 5.83 8.39
N LEU A 408 19.77 5.20 7.67
CA LEU A 408 20.34 3.93 8.11
C LEU A 408 20.95 4.05 9.51
N VAL A 409 21.82 5.03 9.71
CA VAL A 409 22.46 5.19 11.01
C VAL A 409 21.43 5.58 12.06
N ARG A 410 20.49 6.45 11.70
CA ARG A 410 19.50 6.93 12.67
C ARG A 410 18.66 5.79 13.23
N TYR A 411 18.07 4.98 12.35
CA TYR A 411 17.14 3.95 12.79
C TYR A 411 17.86 2.74 13.38
N THR A 412 19.06 2.42 12.90
CA THR A 412 19.83 1.36 13.54
C THR A 412 20.16 1.71 14.98
N LYS A 413 20.52 2.98 15.22
CA LYS A 413 20.79 3.41 16.59
C LYS A 413 19.53 3.36 17.45
N LYS A 414 18.36 3.61 16.86
CA LYS A 414 17.13 3.61 17.65
C LYS A 414 16.72 2.19 18.03
N VAL A 415 16.67 1.28 17.05
CA VAL A 415 16.30 -0.11 17.30
C VAL A 415 17.38 -1.02 16.73
N PRO A 416 18.49 -1.25 17.44
CA PRO A 416 19.59 -2.04 16.88
C PRO A 416 19.34 -3.55 16.86
N GLN A 417 18.25 -4.02 17.45
CA GLN A 417 17.92 -5.45 17.47
C GLN A 417 17.34 -5.93 16.15
N VAL A 418 16.91 -5.03 15.27
CA VAL A 418 16.35 -5.41 13.99
C VAL A 418 17.43 -6.03 13.11
N SER A 419 17.03 -7.01 12.31
CA SER A 419 17.96 -7.65 11.39
C SER A 419 18.54 -6.63 10.41
N THR A 420 19.80 -6.84 10.04
CA THR A 420 20.43 -5.95 9.06
C THR A 420 19.70 -5.94 7.72
N PRO A 421 19.24 -7.06 7.16
CA PRO A 421 18.47 -6.97 5.90
C PRO A 421 17.23 -6.11 6.02
N THR A 422 16.50 -6.20 7.14
CA THR A 422 15.31 -5.39 7.31
C THR A 422 15.66 -3.91 7.47
N LEU A 423 16.71 -3.62 8.24
CA LEU A 423 17.12 -2.23 8.43
C LEU A 423 17.53 -1.59 7.11
N VAL A 424 18.15 -2.36 6.22
CA VAL A 424 18.58 -1.81 4.93
C VAL A 424 17.38 -1.52 4.05
N GLU A 425 16.45 -2.47 3.95
CA GLU A 425 15.31 -2.30 3.05
C GLU A 425 14.42 -1.14 3.51
N VAL A 426 14.23 -0.99 4.82
CA VAL A 426 13.36 0.08 5.33
C VAL A 426 13.98 1.44 5.02
N SER A 427 15.28 1.59 5.29
CA SER A 427 15.93 2.88 5.06
C SER A 427 16.01 3.20 3.58
N ARG A 428 16.21 2.19 2.73
CA ARG A 428 16.19 2.42 1.29
C ARG A 428 14.82 2.91 0.84
N ASN A 429 13.76 2.24 1.31
CA ASN A 429 12.41 2.64 0.92
C ASN A 429 12.10 4.05 1.39
N LEU A 430 12.46 4.37 2.64
CA LEU A 430 12.17 5.70 3.17
C LEU A 430 12.89 6.78 2.38
N GLY A 431 14.09 6.49 1.87
CA GLY A 431 14.78 7.43 1.01
C GLY A 431 14.07 7.65 -0.30
N LYS A 432 13.42 6.61 -0.83
CA LYS A 432 12.63 6.77 -2.05
C LYS A 432 11.37 7.58 -1.78
N VAL A 433 10.82 7.50 -0.57
CA VAL A 433 9.68 8.34 -0.22
C VAL A 433 10.07 9.81 -0.27
N GLY A 434 11.29 10.13 0.16
CA GLY A 434 11.76 11.50 0.04
C GLY A 434 11.95 11.92 -1.41
N SER A 435 12.48 11.02 -2.24
CA SER A 435 12.70 11.34 -3.64
C SER A 435 11.40 11.66 -4.34
N LYS A 436 10.30 11.04 -3.92
CA LYS A 436 9.05 11.28 -4.63
C LYS A 436 8.21 12.39 -4.00
N CYS A 437 8.16 12.43 -2.67
CA CYS A 437 7.28 13.41 -2.01
C CYS A 437 7.94 14.78 -1.88
N CYS A 438 9.26 14.84 -1.73
CA CYS A 438 9.92 16.15 -1.60
C CYS A 438 9.96 16.91 -2.91
N LYS A 439 9.59 16.30 -4.02
CA LYS A 439 9.42 16.99 -5.29
C LYS A 439 8.04 17.63 -5.41
N HIS A 440 7.15 17.43 -4.42
CA HIS A 440 5.87 18.09 -4.27
C HIS A 440 6.04 19.38 -3.47
N PRO A 441 5.26 20.42 -3.76
CA PRO A 441 5.26 21.58 -2.87
C PRO A 441 4.75 21.19 -1.50
N GLU A 442 4.97 22.07 -0.52
CA GLU A 442 4.56 21.79 0.85
C GLU A 442 3.07 21.49 0.95
N ALA A 443 2.26 22.01 0.02
CA ALA A 443 0.82 21.83 0.09
C ALA A 443 0.41 20.38 -0.18
N LYS A 444 1.25 19.58 -0.81
CA LYS A 444 0.91 18.20 -1.13
C LYS A 444 1.92 17.21 -0.56
N ARG A 445 2.72 17.63 0.42
CA ARG A 445 3.78 16.78 0.95
C ARG A 445 3.29 15.85 2.05
N MET A 446 2.52 16.39 3.00
CA MET A 446 2.03 15.54 4.09
C MET A 446 1.08 14.44 3.62
N PRO A 447 0.12 14.68 2.71
CA PRO A 447 -0.64 13.54 2.18
C PRO A 447 0.24 12.57 1.40
N CYS A 448 1.23 13.07 0.67
CA CYS A 448 2.17 12.19 -0.01
C CYS A 448 2.91 11.31 0.99
N ALA A 449 3.50 11.92 2.03
CA ALA A 449 4.23 11.14 3.03
C ALA A 449 3.32 10.12 3.71
N GLU A 450 2.08 10.51 4.02
CA GLU A 450 1.17 9.58 4.68
C GLU A 450 0.90 8.35 3.81
N ASP A 451 0.72 8.56 2.50
CA ASP A 451 0.40 7.45 1.61
C ASP A 451 1.52 6.42 1.57
N TYR A 452 2.77 6.89 1.56
CA TYR A 452 3.90 5.99 1.43
C TYR A 452 4.44 5.52 2.76
N LEU A 453 4.39 6.36 3.80
CA LEU A 453 4.82 5.91 5.11
C LEU A 453 3.90 4.82 5.65
N SER A 454 2.63 4.84 5.28
CA SER A 454 1.70 3.82 5.76
C SER A 454 2.06 2.44 5.22
N VAL A 455 2.52 2.37 3.98
CA VAL A 455 2.88 1.06 3.43
C VAL A 455 4.24 0.61 3.94
N VAL A 456 5.16 1.55 4.21
CA VAL A 456 6.46 1.16 4.75
C VAL A 456 6.30 0.73 6.20
N LEU A 457 5.39 1.36 6.94
CA LEU A 457 5.19 1.02 8.34
C LEU A 457 4.36 -0.24 8.52
N ASN A 458 3.54 -0.61 7.54
CA ASN A 458 2.82 -1.87 7.62
C ASN A 458 3.68 -3.05 7.16
N GLN A 459 4.45 -2.87 6.09
CA GLN A 459 5.48 -3.84 5.75
C GLN A 459 6.38 -4.10 6.95
N LEU A 460 6.72 -3.04 7.68
CA LEU A 460 7.51 -3.16 8.90
C LEU A 460 6.75 -3.93 9.98
N CYS A 461 5.52 -3.51 10.26
CA CYS A 461 4.76 -4.10 11.35
C CYS A 461 4.33 -5.54 11.08
N VAL A 462 4.27 -5.92 9.80
CA VAL A 462 3.97 -7.32 9.48
C VAL A 462 5.18 -8.20 9.78
N LEU A 463 6.36 -7.77 9.32
CA LEU A 463 7.58 -8.54 9.57
C LEU A 463 7.89 -8.65 11.05
N HIS A 464 7.48 -7.66 11.85
CA HIS A 464 7.75 -7.69 13.28
C HIS A 464 6.81 -8.66 14.00
N GLU A 465 5.56 -8.72 13.57
CA GLU A 465 4.60 -9.67 14.18
C GLU A 465 5.17 -11.08 14.01
N LYS A 466 5.68 -11.39 12.83
CA LYS A 466 6.21 -12.74 12.54
C LYS A 466 7.49 -12.99 13.34
N THR A 467 8.44 -12.04 13.31
CA THR A 467 9.73 -12.21 14.03
C THR A 467 9.98 -11.00 14.94
N PRO A 468 9.44 -10.97 16.17
CA PRO A 468 9.59 -9.81 17.06
C PRO A 468 10.98 -9.59 17.66
N VAL A 469 11.35 -8.32 17.88
CA VAL A 469 12.71 -7.98 18.41
C VAL A 469 12.62 -6.85 19.44
N SER A 470 11.56 -6.04 19.43
CA SER A 470 11.47 -4.87 20.35
C SER A 470 10.05 -4.67 20.88
N ASP A 471 9.92 -4.44 22.17
CA ASP A 471 8.60 -4.14 22.79
C ASP A 471 8.15 -2.77 22.31
N ARG A 472 9.08 -1.87 22.05
CA ARG A 472 8.74 -0.49 21.64
C ARG A 472 8.11 -0.49 20.25
N VAL A 473 8.61 -1.34 19.36
CA VAL A 473 8.05 -1.44 17.99
C VAL A 473 6.71 -2.16 18.08
N THR A 474 6.61 -3.18 18.95
CA THR A 474 5.31 -3.84 19.16
C THR A 474 4.29 -2.78 19.57
N LYS A 475 4.64 -1.88 20.50
CA LYS A 475 3.68 -0.87 20.98
C LYS A 475 3.25 0.03 19.82
N CYS A 476 4.19 0.53 19.04
CA CYS A 476 3.86 1.44 17.93
C CYS A 476 3.01 0.70 16.89
N CYS A 477 3.29 -0.58 16.65
CA CYS A 477 2.57 -1.36 15.61
C CYS A 477 1.19 -1.79 16.11
N THR A 478 0.95 -1.82 17.43
CA THR A 478 -0.33 -2.30 17.99
C THR A 478 -1.21 -1.13 18.40
N GLU A 479 -0.66 0.08 18.41
CA GLU A 479 -1.44 1.29 18.75
C GLU A 479 -2.32 1.66 17.57
N SER A 480 -3.15 2.68 17.71
CA SER A 480 -3.99 3.13 16.59
C SER A 480 -3.11 3.55 15.42
N LEU A 481 -3.63 3.41 14.20
CA LEU A 481 -2.89 3.85 12.99
C LEU A 481 -2.77 5.38 12.98
N VAL A 482 -3.55 6.06 13.81
CA VAL A 482 -3.47 7.54 13.91
C VAL A 482 -2.16 7.89 14.62
N ASN A 483 -1.78 7.09 15.61
CA ASN A 483 -0.57 7.40 16.39
C ASN A 483 0.59 6.44 16.07
N ARG A 484 0.50 5.68 14.98
CA ARG A 484 1.58 4.76 14.58
C ARG A 484 2.86 5.54 14.24
N ARG A 485 2.80 6.45 13.27
CA ARG A 485 3.97 7.25 12.85
C ARG A 485 4.51 8.09 14.02
N PRO A 486 3.72 8.88 14.79
CA PRO A 486 4.26 9.59 15.93
C PRO A 486 5.04 8.68 16.89
N CYS A 487 4.53 7.48 17.16
CA CYS A 487 5.23 6.52 18.05
C CYS A 487 6.61 6.24 17.47
N PHE A 488 6.68 5.87 16.20
CA PHE A 488 7.99 5.57 15.56
C PHE A 488 8.88 6.80 15.60
N SER A 489 8.31 7.99 15.42
CA SER A 489 9.07 9.25 15.45
C SER A 489 9.62 9.53 16.85
N ALA A 490 8.91 9.12 17.89
CA ALA A 490 9.32 9.34 19.29
C ALA A 490 10.30 8.26 19.76
N LEU A 491 10.60 7.29 18.91
CA LEU A 491 11.63 6.30 19.30
C LEU A 491 12.95 7.03 19.51
N GLU A 492 13.63 6.71 20.60
CA GLU A 492 14.91 7.33 20.94
C GLU A 492 16.03 6.30 20.81
N VAL A 493 17.26 6.82 20.78
CA VAL A 493 18.43 5.95 20.66
C VAL A 493 18.46 4.95 21.80
N ASP A 494 18.63 3.68 21.46
CA ASP A 494 18.62 2.63 22.47
C ASP A 494 19.88 2.69 23.32
N GLU A 495 19.71 2.95 24.61
CA GLU A 495 20.81 3.03 25.56
C GLU A 495 21.05 1.73 26.29
N THR A 496 20.17 0.73 26.12
CA THR A 496 20.37 -0.59 26.71
C THR A 496 21.08 -1.54 25.75
N TYR A 497 21.37 -1.11 24.52
CA TYR A 497 21.96 -1.99 23.53
C TYR A 497 23.40 -2.35 23.89
N VAL A 498 23.71 -3.64 23.87
CA VAL A 498 25.08 -4.12 24.04
C VAL A 498 25.71 -4.24 22.67
N PRO A 499 26.84 -3.61 22.40
CA PRO A 499 27.40 -3.62 21.04
C PRO A 499 27.74 -5.02 20.58
N LYS A 500 27.46 -5.29 19.31
CA LYS A 500 27.78 -6.58 18.71
C LYS A 500 29.29 -6.78 18.66
N GLU A 501 29.71 -8.03 18.80
CA GLU A 501 31.13 -8.34 18.77
C GLU A 501 31.70 -8.23 17.37
N PHE A 502 32.97 -7.83 17.29
CA PHE A 502 33.61 -7.67 16.00
C PHE A 502 33.71 -9.00 15.27
N ASN A 503 33.47 -8.96 13.96
CA ASN A 503 33.57 -10.14 13.11
C ASN A 503 34.30 -9.72 11.84
N ALA A 504 35.48 -10.31 11.61
CA ALA A 504 36.32 -9.87 10.50
C ALA A 504 35.65 -10.12 9.15
N GLU A 505 34.91 -11.21 9.02
CA GLU A 505 34.27 -11.54 7.75
C GLU A 505 33.23 -10.48 7.37
N THR A 506 32.60 -9.85 8.35
CA THR A 506 31.59 -8.84 8.06
C THR A 506 32.21 -7.60 7.41
N PHE A 507 33.46 -7.29 7.77
CA PHE A 507 34.14 -6.10 7.29
C PHE A 507 35.32 -6.45 6.37
N THR A 508 35.25 -7.59 5.69
CA THR A 508 36.21 -7.95 4.66
C THR A 508 35.53 -7.86 3.30
N PHE A 509 36.17 -7.19 2.36
CA PHE A 509 35.60 -6.90 1.05
C PHE A 509 36.54 -7.41 -0.04
N HIS A 510 35.95 -7.75 -1.19
CA HIS A 510 36.67 -8.36 -2.28
C HIS A 510 36.42 -7.59 -3.57
N ALA A 511 37.15 -7.97 -4.62
CA ALA A 511 37.08 -7.27 -5.90
C ALA A 511 35.76 -7.50 -6.64
N ASP A 512 34.94 -8.44 -6.18
CA ASP A 512 33.61 -8.61 -6.76
C ASP A 512 32.74 -7.38 -6.56
N ILE A 513 33.12 -6.49 -5.63
CA ILE A 513 32.35 -5.28 -5.41
C ILE A 513 32.42 -4.35 -6.62
N CYS A 514 33.52 -4.40 -7.37
CA CYS A 514 33.64 -3.54 -8.54
C CYS A 514 32.84 -4.06 -9.72
N THR A 515 32.50 -5.35 -9.73
CA THR A 515 31.74 -5.93 -10.83
C THR A 515 30.24 -5.89 -10.61
N LEU A 516 29.79 -5.71 -9.37
CA LEU A 516 28.38 -5.57 -9.08
C LEU A 516 27.85 -4.28 -9.71
N SER A 517 26.51 -4.22 -9.81
CA SER A 517 25.87 -2.98 -10.31
C SER A 517 25.70 -2.03 -9.13
N GLU A 518 25.30 -0.80 -9.41
CA GLU A 518 25.08 0.19 -8.35
C GLU A 518 24.20 -0.40 -7.25
N LYS A 519 23.15 -1.13 -7.60
CA LYS A 519 22.23 -1.59 -6.56
C LYS A 519 22.92 -2.55 -5.59
N GLU A 520 23.57 -3.56 -6.15
CA GLU A 520 24.20 -4.61 -5.31
C GLU A 520 25.35 -4.02 -4.50
N ARG A 521 26.09 -3.09 -5.08
CA ARG A 521 27.22 -2.44 -4.39
C ARG A 521 26.68 -1.59 -3.22
N GLN A 522 25.66 -0.78 -3.50
CA GLN A 522 25.06 0.09 -2.46
C GLN A 522 24.54 -0.76 -1.30
N ILE A 523 23.82 -1.84 -1.59
CA ILE A 523 23.28 -2.70 -0.54
C ILE A 523 24.41 -3.39 0.23
N LYS A 524 25.45 -3.80 -0.47
CA LYS A 524 26.63 -4.37 0.18
C LYS A 524 27.23 -3.36 1.15
N LYS A 525 27.42 -2.12 0.71
CA LYS A 525 27.96 -1.09 1.58
C LYS A 525 26.98 -0.74 2.69
N GLN A 526 25.68 -0.64 2.36
CA GLN A 526 24.69 -0.30 3.37
C GLN A 526 24.57 -1.40 4.41
N THR A 527 24.74 -2.67 4.01
CA THR A 527 24.76 -3.76 4.97
C THR A 527 25.92 -3.59 5.95
N ALA A 528 27.09 -3.20 5.45
CA ALA A 528 28.26 -3.02 6.31
C ALA A 528 28.10 -1.80 7.20
N LEU A 529 27.38 -0.78 6.75
CA LEU A 529 27.17 0.40 7.58
C LEU A 529 26.31 0.05 8.80
N VAL A 530 25.25 -0.73 8.60
CA VAL A 530 24.44 -1.19 9.72
C VAL A 530 25.29 -1.99 10.70
N GLU A 531 26.13 -2.89 10.19
CA GLU A 531 26.98 -3.68 11.06
C GLU A 531 28.04 -2.82 11.75
N LEU A 532 28.52 -1.78 11.06
CA LEU A 532 29.42 -0.83 11.70
C LEU A 532 28.76 -0.16 12.89
N VAL A 533 27.52 0.28 12.73
CA VAL A 533 26.81 0.92 13.84
C VAL A 533 26.44 -0.10 14.90
N LYS A 534 26.13 -1.33 14.50
CA LYS A 534 25.81 -2.36 15.48
C LYS A 534 27.03 -2.74 16.31
N HIS A 535 28.22 -2.64 15.73
CA HIS A 535 29.45 -2.94 16.44
C HIS A 535 29.97 -1.75 17.24
N LYS A 536 29.78 -0.53 16.74
CA LYS A 536 30.16 0.70 17.44
C LYS A 536 28.98 1.65 17.46
N PRO A 537 28.02 1.43 18.36
CA PRO A 537 26.82 2.29 18.37
C PRO A 537 27.03 3.68 18.92
N LYS A 538 28.12 3.92 19.66
CA LYS A 538 28.38 5.24 20.22
C LYS A 538 29.16 6.15 19.27
N ALA A 539 29.48 5.67 18.07
CA ALA A 539 30.24 6.48 17.12
C ALA A 539 29.41 7.65 16.62
N THR A 540 30.02 8.83 16.59
CA THR A 540 29.35 10.02 16.12
C THR A 540 29.25 10.02 14.60
N LYS A 541 28.40 10.91 14.07
CA LYS A 541 28.29 11.04 12.62
C LYS A 541 29.56 11.59 11.99
N GLU A 542 30.38 12.31 12.75
CA GLU A 542 31.68 12.73 12.25
C GLU A 542 32.64 11.55 12.19
N GLN A 543 32.72 10.78 13.28
CA GLN A 543 33.56 9.58 13.30
C GLN A 543 33.11 8.59 12.24
N LEU A 544 31.79 8.46 12.04
CA LEU A 544 31.30 7.54 11.03
C LEU A 544 31.61 8.04 9.62
N LYS A 545 31.50 9.36 9.40
CA LYS A 545 31.82 9.90 8.08
C LYS A 545 33.29 9.71 7.74
N ALA A 546 34.16 9.70 8.75
CA ALA A 546 35.58 9.46 8.51
C ALA A 546 35.82 8.03 8.04
N VAL A 547 35.18 7.06 8.70
CA VAL A 547 35.33 5.66 8.30
C VAL A 547 34.71 5.43 6.93
N MET A 548 33.56 6.05 6.67
CA MET A 548 32.91 5.90 5.37
C MET A 548 33.76 6.49 4.26
N ASP A 549 34.29 7.70 4.48
CA ASP A 549 35.15 8.33 3.48
C ASP A 549 36.41 7.51 3.24
N ASP A 550 36.97 6.94 4.30
CA ASP A 550 38.12 6.06 4.16
C ASP A 550 37.75 4.81 3.36
N PHE A 551 36.60 4.23 3.67
CA PHE A 551 36.14 3.05 2.94
C PHE A 551 35.94 3.37 1.46
N ALA A 552 35.40 4.55 1.16
CA ALA A 552 35.17 4.93 -0.24
C ALA A 552 36.48 5.05 -1.01
N ALA A 553 37.50 5.66 -0.40
CA ALA A 553 38.80 5.72 -1.05
C ALA A 553 39.43 4.34 -1.17
N PHE A 554 39.17 3.46 -0.19
CA PHE A 554 39.69 2.10 -0.24
C PHE A 554 39.08 1.33 -1.41
N VAL A 555 37.79 1.53 -1.68
CA VAL A 555 37.15 0.86 -2.79
C VAL A 555 37.65 1.41 -4.12
N GLU A 556 37.66 2.74 -4.26
CA GLU A 556 38.10 3.37 -5.51
C GLU A 556 39.53 2.98 -5.85
N LYS A 557 40.41 2.95 -4.85
CA LYS A 557 41.81 2.64 -5.13
C LYS A 557 41.99 1.17 -5.50
N CYS A 558 41.40 0.26 -4.74
CA CYS A 558 41.58 -1.16 -5.01
C CYS A 558 40.79 -1.64 -6.23
N CYS A 559 39.75 -0.91 -6.64
CA CYS A 559 39.05 -1.25 -7.87
C CYS A 559 39.78 -0.74 -9.11
N LYS A 560 40.78 0.13 -8.94
CA LYS A 560 41.58 0.63 -10.05
C LYS A 560 43.01 0.11 -10.06
N ALA A 561 43.38 -0.68 -9.06
CA ALA A 561 44.71 -1.25 -8.96
C ALA A 561 44.90 -2.38 -9.97
N ASP A 562 46.16 -2.77 -10.18
CA ASP A 562 46.47 -3.85 -11.11
C ASP A 562 46.10 -5.20 -10.51
N ASP A 563 46.64 -5.50 -9.32
CA ASP A 563 46.29 -6.72 -8.60
C ASP A 563 45.18 -6.37 -7.62
N LYS A 564 43.95 -6.41 -8.14
CA LYS A 564 42.81 -5.87 -7.39
C LYS A 564 42.55 -6.66 -6.11
N GLU A 565 42.69 -7.99 -6.16
CA GLU A 565 42.27 -8.80 -5.03
C GLU A 565 43.17 -8.61 -3.82
N THR A 566 44.49 -8.59 -4.01
CA THR A 566 45.39 -8.40 -2.89
C THR A 566 45.25 -7.02 -2.28
N CYS A 567 44.97 -6.00 -3.09
CA CYS A 567 44.67 -4.67 -2.56
C CYS A 567 43.51 -4.74 -1.57
N PHE A 568 42.42 -5.41 -1.98
CA PHE A 568 41.25 -5.53 -1.11
C PHE A 568 41.58 -6.31 0.16
N ALA A 569 42.60 -7.17 0.11
CA ALA A 569 42.98 -7.94 1.28
C ALA A 569 44.03 -7.25 2.13
N GLU A 570 44.97 -6.52 1.52
CA GLU A 570 46.03 -5.86 2.28
C GLU A 570 45.66 -4.44 2.68
N GLU A 571 45.09 -3.65 1.76
CA GLU A 571 44.58 -2.34 2.16
C GLU A 571 43.26 -2.46 2.91
N GLY A 572 42.64 -3.63 2.89
CA GLY A 572 41.45 -3.87 3.68
C GLY A 572 41.75 -4.10 5.13
N LYS A 573 42.79 -4.88 5.42
CA LYS A 573 43.18 -5.10 6.81
C LYS A 573 43.77 -3.85 7.45
N LYS A 574 44.26 -2.91 6.63
CA LYS A 574 44.70 -1.62 7.16
C LYS A 574 43.51 -0.73 7.49
N LEU A 575 42.53 -0.67 6.58
CA LEU A 575 41.33 0.13 6.84
C LEU A 575 40.60 -0.35 8.08
N VAL A 576 40.51 -1.66 8.26
CA VAL A 576 39.80 -2.21 9.42
C VAL A 576 40.51 -1.82 10.71
N ALA A 577 41.84 -1.99 10.74
CA ALA A 577 42.60 -1.72 11.96
C ALA A 577 42.55 -0.24 12.34
N ALA A 578 42.71 0.64 11.34
CA ALA A 578 42.65 2.07 11.63
C ALA A 578 41.26 2.49 12.08
N SER A 579 40.23 1.86 11.51
CA SER A 579 38.86 2.17 11.93
C SER A 579 38.61 1.72 13.36
N GLN A 580 39.07 0.51 13.72
CA GLN A 580 38.92 0.03 15.08
C GLN A 580 39.63 0.95 16.08
N ALA A 581 40.74 1.55 15.68
CA ALA A 581 41.44 2.49 16.55
C ALA A 581 40.64 3.77 16.74
N ALA A 582 40.13 4.34 15.65
CA ALA A 582 39.39 5.59 15.74
C ALA A 582 38.08 5.41 16.51
N LEU A 583 37.46 4.24 16.39
CA LEU A 583 36.20 3.97 17.07
C LEU A 583 36.44 3.14 18.33
N NO B . 5.11 -9.73 -4.30
O NO B . 4.73 -10.28 -3.01
N VAL C . 3.67 -7.75 -7.36
CA VAL C . 2.21 -7.94 -7.41
C VAL C . 1.55 -7.18 -8.57
O VAL C . 0.28 -6.76 -8.69
CB VAL C . 1.55 -7.51 -6.06
CG1 VAL C . 0.22 -8.20 -5.86
CG2 VAL C . 2.47 -7.82 -4.89
OXT VAL C . 2.04 -7.22 -9.70
CL CL D . 6.27 -10.37 -7.43
RU RU E . 5.29 -8.94 -5.85
C1 PLM F . 1.20 12.12 9.81
O1 PLM F . 1.74 11.24 10.52
O2 PLM F . 0.42 13.06 10.15
C2 PLM F . 1.54 12.02 8.29
C3 PLM F . 2.98 11.64 7.96
C4 PLM F . 4.03 12.61 8.53
C5 PLM F . 5.48 12.17 8.24
C6 PLM F . 6.54 13.17 8.72
C7 PLM F . 7.93 12.92 8.12
C8 PLM F . 8.48 11.51 8.38
C9 PLM F . 9.96 11.37 8.00
CA PLM F . 10.37 9.93 7.66
CB PLM F . 11.52 9.83 6.64
CC PLM F . 11.06 9.89 5.18
CD PLM F . 11.00 11.31 4.60
CE PLM F . 9.64 11.65 3.96
CF PLM F . 9.56 13.07 3.40
CG PLM F . 8.24 13.36 2.67
C1 PLM G . 29.70 5.13 -0.10
O1 PLM G . 30.88 5.56 -0.24
O2 PLM G . 29.05 4.36 -0.83
C2 PLM G . 28.99 5.65 1.20
C3 PLM G . 29.54 5.11 2.52
C4 PLM G . 29.95 3.63 2.47
C5 PLM G . 29.59 2.85 3.73
C6 PLM G . 30.66 1.88 4.21
C7 PLM G . 30.40 1.29 5.60
C8 PLM G . 31.36 0.18 6.01
C9 PLM G . 32.77 0.66 6.38
CA PLM G . 33.53 -0.30 7.29
CB PLM G . 35.05 -0.05 7.36
CC PLM G . 35.78 -1.02 8.29
CD PLM G . 35.27 -1.01 9.74
CE PLM G . 35.81 -2.18 10.59
CF PLM G . 35.23 -2.22 12.02
CG PLM G . 35.51 -0.96 12.84
C1 PLM H . -15.99 -2.17 -9.85
O1 PLM H . -16.52 -1.05 -9.67
O2 PLM H . -14.97 -2.67 -9.30
C2 PLM H . -16.72 -3.07 -10.93
C3 PLM H . -15.83 -3.97 -11.77
C4 PLM H . -16.60 -4.89 -12.72
C5 PLM H . -17.12 -6.17 -12.06
C6 PLM H . -16.16 -7.36 -12.13
C7 PLM H . -16.63 -8.47 -13.08
C8 PLM H . -16.88 -9.81 -12.39
C9 PLM H . -16.00 -10.95 -12.92
CA PLM H . -16.77 -12.21 -13.30
CB PLM H . -15.89 -13.47 -13.40
CC PLM H . -16.54 -14.72 -12.81
CD PLM H . -17.75 -15.22 -13.63
CE PLM H . -18.26 -16.59 -13.19
CF PLM H . -18.57 -17.53 -14.34
CG PLM H . -18.25 -19.00 -14.04
C1 PLM I . 10.43 9.36 11.79
O1 PLM I . 10.07 10.35 12.48
O2 PLM I . 11.55 9.14 11.25
C2 PLM I . 9.33 8.28 11.58
C3 PLM I . 9.34 7.57 10.22
C4 PLM I . 9.18 6.05 10.30
C5 PLM I . 10.10 5.39 11.32
C6 PLM I . 10.94 4.24 10.77
C7 PLM I . 11.80 3.52 11.82
C8 PLM I . 11.90 2.01 11.59
C9 PLM I . 13.33 1.46 11.70
CA PLM I . 13.52 0.47 12.85
CB PLM I . 12.96 -0.93 12.57
CC PLM I . 11.68 -1.25 13.36
CD PLM I . 11.45 -2.76 13.60
CE PLM I . 11.54 -3.61 12.33
CF PLM I . 10.86 -4.98 12.45
CG PLM I . 10.44 -5.57 11.11
C1 PLM J . -9.74 6.36 15.74
O1 PLM J . -10.57 5.59 16.31
O2 PLM J . -8.50 6.23 15.62
C2 PLM J . -10.38 7.65 15.11
C3 PLM J . -10.07 8.97 15.84
C4 PLM J . -11.30 9.64 16.48
C5 PLM J . -11.76 10.90 15.72
C6 PLM J . -12.96 11.61 16.38
C7 PLM J . -14.14 10.68 16.69
C8 PLM J . -14.76 10.05 15.44
C9 PLM J . -15.32 11.07 14.45
CA PLM J . -16.85 11.04 14.32
CB PLM J . -17.40 9.68 13.85
CC PLM J . -17.92 9.70 12.40
CD PLM J . -19.27 9.01 12.23
CE PLM J . -19.89 9.21 10.84
CF PLM J . -19.98 10.68 10.41
CG PLM J . -20.60 10.87 9.02
C1 PLM K . 8.11 -8.99 -11.62
O1 PLM K . 8.54 -7.90 -12.08
O2 PLM K . 7.75 -9.26 -10.44
C2 PLM K . 8.05 -10.16 -12.65
C3 PLM K . 7.33 -9.85 -13.98
C4 PLM K . 5.79 -9.80 -13.87
C5 PLM K . 5.09 -9.54 -15.22
C6 PLM K . 3.57 -9.78 -15.20
C7 PLM K . 2.88 -9.45 -16.55
C8 PLM K . 1.38 -9.77 -16.62
C9 PLM K . 0.71 -9.24 -17.90
CA PLM K . -0.71 -9.77 -18.16
CB PLM K . -1.43 -9.03 -19.30
CC PLM K . -2.88 -9.52 -19.55
CD PLM K . -3.49 -9.00 -20.86
CE PLM K . -4.76 -8.17 -20.67
CF PLM K . -6.06 -8.94 -20.99
CG PLM K . -7.30 -8.04 -21.10
C1 GOL L . -12.79 7.93 -2.55
O1 GOL L . -13.49 6.96 -3.26
C2 GOL L . -11.61 7.23 -1.84
O2 GOL L . -11.22 7.90 -0.68
C3 GOL L . -12.12 5.80 -1.55
O3 GOL L . -11.05 5.12 -0.97
C1 GOL M . -16.01 -15.58 -5.41
O1 GOL M . -16.65 -16.14 -4.31
C2 GOL M . -17.09 -15.36 -6.50
O2 GOL M . -17.60 -14.07 -6.48
C3 GOL M . -16.38 -15.69 -7.82
O3 GOL M . -17.38 -15.98 -8.76
S DMS N . -7.08 3.44 7.11
O DMS N . -6.25 2.30 7.61
C1 DMS N . -8.82 2.97 7.07
C2 DMS N . -6.76 3.66 5.33
S DMS O . -4.75 -30.40 -10.83
O DMS O . -6.24 -30.45 -10.69
C1 DMS O . -4.04 -32.05 -10.55
C2 DMS O . -4.04 -29.54 -9.39
S DMS P . -11.18 -10.04 -3.09
O DMS P . -11.00 -10.32 -1.63
C1 DMS P . -12.74 -9.16 -3.35
C2 DMS P . -11.52 -11.59 -3.97
S DMS Q . -25.54 -13.33 -8.56
O DMS Q . -26.84 -13.51 -7.83
C1 DMS Q . -25.77 -13.76 -10.31
C2 DMS Q . -24.37 -14.64 -8.08
#